data_7F23
#
_entry.id   7F23
#
_cell.length_a   1.00
_cell.length_b   1.00
_cell.length_c   1.00
_cell.angle_alpha   90.00
_cell.angle_beta   90.00
_cell.angle_gamma   90.00
#
_symmetry.space_group_name_H-M   'P 1'
#
loop_
_entity.id
_entity.type
_entity.pdbx_description
1 polymer 'D(1A) dopamine receptor'
2 polymer 'Guanine nucleotide-binding protein G(s) subunit alpha isoforms short,Isoform Gnas-2 of Guanine nucleotide-binding protein G(s) subunit alpha isoforms short'
3 polymer 'Guanine nucleotide-binding protein G(I)/G(S)/G(T) subunit beta-1'
4 polymer 'Nanobody 35'
5 polymer 'Guanine nucleotide-binding protein G(I)/G(S)/G(O) subunit gamma-2'
6 non-polymer L-DOPAMINE
7 non-polymer "GUANOSINE-5'-TRIPHOSPHATE"
#
loop_
_entity_poly.entity_id
_entity_poly.type
_entity_poly.pdbx_seq_one_letter_code
_entity_poly.pdbx_strand_id
1 'polypeptide(L)'
;MKTIIALSYIFCLVFADYKDDDDASIDMRTLNTSAMDGTGLVVERDFSVRILTACFLSLLILSTLLGNTLVCAAVIRFRH
LRSKVTNFFVISLAVSDLLVAVLVMPWKAVAEIAGFWPFGSFCNIWVAFDIMCSTASILNLCVISVDRYWAISSPFRYER
KMTPKAAFILISVAWTLSVLISFIPVQLSWHKAKPTSPSDGNATSLAETIDNCDSSLSRTYAISSSVISFYIPVAIMIVT
YTRIYRIAQKQIRRIAALERAAVHAKNCQTTTGNGKPVECSQPESSFKMSFKRETKVLKTLSVIMGVFVCCWLPFFILNC
ILPFCGSGETQPFCIDSNTFDVFVWFGWANSSLNPIIYAFNADFRKAFSTLLGCYRLCPATNNAIETVSINNNGAAMFSS
HHEPRGSISKECNLVYLIPHAVGSSEDLKKEEAAGIARPLEKLSPALSVILDYDTDVSLEKIQPITQNGQHPT
;
F
2 'polypeptide(L)'
;NSKTEDQRNEEKAQREANKKIEKQLQKDKQVYRATHRLLLLGADNSGKSTIVKQMRILHGGSGGSGGTSGIFETKFQVDK
VNFHMFDVGGQRDERRKWIQCFNDVTAIIFVVDSSDYNRLQEALNLFKSIWNNRWLRTISVILFLNKQDLLAEKVLAGKS
KIEDYFPEFARYTTPEDATPEPGEDPRVTRAKYFIRDEFLRISTASGDGRHYCYPHFTCAVDTENARRIFNDCRDIIQRM
HLRQYELL
;
A
3 'polypeptide(L)'
;MHHHHHHLEVLFQGPGSSGSELDQLRQEAEQLKNQIRDARKACADATLSQITNNIDPVGRIQMRTRRTLRGHLAKIYAMH
WGTDSRLLVSASQDGKLIIWDSYTTNKVHAIPLRSSWVMTCAYAPSGNYVACGGLDNICSIYNLKTREGNVRVSRELAGH
TGYLSCCRFLDDNQIVTSSGDTTCALWDIETGQQTTTFTGHTGDVMSLSLAPDTRLFVSGACDASAKLWDVREGMCRQTF
TGHESDINAICFFPNGNAFATGSDDATCRLFDLRADQELMTYSHDNIICGITSVSFSKSGRLLLAGYDDFNCNVWDALKA
DRAGVLAGHDNRVSCLGVTDDGMAVATGSWDSFLKIWN
;
B
4 'polypeptide(L)'
;MKYLLPTAAAGLLLLAAQPAMAQVQLQESGGGLVQPGGSLRLSCAASGFTFSNYKMNWVRQAPGKGLEWVSDISQSGASI
SYTGSVKGRFTISRDNAKNTLYLQMNSLKPEDTAVYYCARCPAPFTRDCFDVTSTTYAYRGQGTQVTVSSHHHHHHEPEA
;
E
5 'polypeptide(L)' MASNNTASIAQARKLVEQLKMEANIDRIKVSKAAADLMAYCEAHAKEDPLLTPVPASENPFREKKFFSAIL D
#
# COMPACT_ATOMS: atom_id res chain seq x y z
N PHE A 47 57.64 17.47 -4.34
CA PHE A 47 58.28 16.16 -4.39
C PHE A 47 57.26 15.05 -4.55
N SER A 48 57.74 13.83 -4.81
CA SER A 48 56.86 12.68 -4.96
C SER A 48 55.97 12.51 -3.74
N VAL A 49 56.58 12.45 -2.55
CA VAL A 49 55.78 12.33 -1.33
C VAL A 49 54.91 13.57 -1.14
N ARG A 50 55.44 14.74 -1.46
CA ARG A 50 54.67 15.95 -1.21
C ARG A 50 53.47 16.03 -2.12
N ILE A 51 53.66 15.72 -3.40
CA ILE A 51 52.55 15.77 -4.34
C ILE A 51 51.54 14.69 -4.01
N LEU A 52 52.02 13.53 -3.53
CA LEU A 52 51.07 12.48 -3.15
C LEU A 52 50.24 12.88 -1.94
N THR A 53 50.86 13.43 -0.91
CA THR A 53 50.09 13.93 0.22
C THR A 53 49.12 15.01 -0.23
N ALA A 54 49.55 15.89 -1.15
CA ALA A 54 48.68 16.95 -1.62
C ALA A 54 47.45 16.38 -2.32
N CYS A 55 47.66 15.43 -3.23
CA CYS A 55 46.53 14.89 -3.96
C CYS A 55 45.62 14.07 -3.05
N PHE A 56 46.21 13.32 -2.12
CA PHE A 56 45.40 12.54 -1.19
C PHE A 56 44.55 13.43 -0.29
N LEU A 57 45.13 14.52 0.21
CA LEU A 57 44.36 15.43 1.05
C LEU A 57 43.28 16.14 0.27
N SER A 58 43.59 16.55 -0.96
CA SER A 58 42.58 17.18 -1.79
C SER A 58 41.45 16.21 -2.09
N LEU A 59 41.78 14.94 -2.32
CA LEU A 59 40.76 13.93 -2.55
C LEU A 59 39.91 13.74 -1.31
N LEU A 60 40.52 13.77 -0.13
CA LEU A 60 39.78 13.60 1.11
C LEU A 60 38.82 14.75 1.31
N ILE A 61 39.30 15.97 1.12
CA ILE A 61 38.44 17.14 1.26
C ILE A 61 37.29 17.05 0.27
N LEU A 62 37.59 16.71 -0.98
CA LEU A 62 36.54 16.67 -1.98
C LEU A 62 35.52 15.58 -1.65
N SER A 63 35.98 14.47 -1.08
CA SER A 63 35.07 13.39 -0.72
C SER A 63 34.15 13.82 0.41
N THR A 64 34.71 14.43 1.45
CA THR A 64 33.89 14.96 2.53
C THR A 64 32.85 15.91 1.97
N LEU A 65 33.29 16.88 1.18
CA LEU A 65 32.35 17.86 0.65
C LEU A 65 31.27 17.18 -0.15
N LEU A 66 31.64 16.22 -1.00
CA LEU A 66 30.65 15.59 -1.85
C LEU A 66 29.64 14.79 -1.03
N GLY A 67 30.10 13.95 -0.12
CA GLY A 67 29.16 13.17 0.67
C GLY A 67 28.21 14.03 1.49
N ASN A 68 28.75 15.02 2.19
CA ASN A 68 27.88 15.79 3.07
C ASN A 68 26.98 16.73 2.31
N THR A 69 27.48 17.35 1.23
CA THR A 69 26.61 18.19 0.45
C THR A 69 25.57 17.36 -0.28
N LEU A 70 25.89 16.11 -0.59
CA LEU A 70 24.90 15.25 -1.22
C LEU A 70 23.77 14.93 -0.26
N VAL A 71 24.09 14.62 0.99
CA VAL A 71 23.03 14.40 1.97
C VAL A 71 22.21 15.67 2.16
N CYS A 72 22.88 16.81 2.32
CA CYS A 72 22.13 18.04 2.55
C CYS A 72 21.24 18.39 1.39
N ALA A 73 21.70 18.14 0.16
CA ALA A 73 20.88 18.42 -1.00
C ALA A 73 19.71 17.46 -1.10
N ALA A 74 19.96 16.16 -0.89
CA ALA A 74 18.87 15.21 -0.91
C ALA A 74 17.83 15.52 0.15
N VAL A 75 18.24 16.18 1.23
CA VAL A 75 17.27 16.57 2.22
C VAL A 75 16.49 17.80 1.79
N ILE A 76 17.18 18.84 1.32
CA ILE A 76 16.48 20.08 1.01
C ILE A 76 15.55 19.89 -0.18
N ARG A 77 15.98 19.10 -1.18
CA ARG A 77 15.17 18.94 -2.38
C ARG A 77 13.97 18.04 -2.12
N PHE A 78 14.16 16.95 -1.36
CA PHE A 78 13.11 15.95 -1.20
C PHE A 78 12.48 16.10 0.18
N ARG A 79 11.19 16.46 0.20
CA ARG A 79 10.47 16.64 1.45
C ARG A 79 10.03 15.33 2.09
N HIS A 80 10.02 14.23 1.34
CA HIS A 80 9.66 12.95 1.93
C HIS A 80 10.77 12.34 2.78
N LEU A 81 11.98 12.90 2.75
CA LEU A 81 13.01 12.50 3.69
C LEU A 81 12.98 13.32 4.96
N ARG A 82 12.53 14.56 4.90
CA ARG A 82 12.43 15.40 6.07
C ARG A 82 11.23 15.07 6.94
N SER A 83 10.40 14.12 6.52
CA SER A 83 9.15 13.89 7.24
C SER A 83 9.42 13.29 8.61
N LYS A 84 10.32 12.33 8.70
CA LYS A 84 10.54 11.62 9.96
C LYS A 84 11.36 12.50 10.89
N VAL A 85 11.81 11.93 12.01
CA VAL A 85 12.59 12.65 12.99
C VAL A 85 14.04 12.19 13.01
N THR A 86 14.25 10.86 12.94
CA THR A 86 15.60 10.34 12.79
C THR A 86 16.29 11.01 11.62
N ASN A 87 15.54 11.35 10.59
CA ASN A 87 16.13 12.08 9.50
C ASN A 87 16.54 13.48 9.93
N PHE A 88 15.80 14.12 10.84
CA PHE A 88 16.26 15.39 11.37
C PHE A 88 17.64 15.25 11.96
N PHE A 89 17.84 14.22 12.78
CA PHE A 89 19.14 14.06 13.40
C PHE A 89 20.23 13.74 12.38
N VAL A 90 19.92 12.95 11.36
CA VAL A 90 20.94 12.66 10.35
C VAL A 90 21.29 13.92 9.59
N ILE A 91 20.33 14.81 9.35
CA ILE A 91 20.63 16.07 8.69
C ILE A 91 21.54 16.91 9.57
N SER A 92 21.27 16.94 10.86
CA SER A 92 22.16 17.66 11.77
C SER A 92 23.57 17.13 11.65
N LEU A 93 23.73 15.81 11.63
CA LEU A 93 25.07 15.24 11.50
C LEU A 93 25.70 15.64 10.19
N ALA A 94 24.94 15.57 9.10
CA ALA A 94 25.51 15.92 7.81
C ALA A 94 25.94 17.37 7.77
N VAL A 95 25.18 18.27 8.38
CA VAL A 95 25.59 19.67 8.35
C VAL A 95 26.83 19.86 9.19
N SER A 96 26.91 19.21 10.34
CA SER A 96 28.13 19.29 11.12
C SER A 96 29.33 18.83 10.33
N ASP A 97 29.18 17.76 9.57
CA ASP A 97 30.35 17.25 8.85
C ASP A 97 30.70 18.13 7.67
N LEU A 98 29.71 18.71 7.00
CA LEU A 98 30.01 19.64 5.93
C LEU A 98 30.73 20.86 6.47
N LEU A 99 30.34 21.33 7.65
CA LEU A 99 31.09 22.41 8.26
C LEU A 99 32.51 21.99 8.56
N VAL A 100 32.71 20.81 9.16
CA VAL A 100 34.07 20.33 9.36
C VAL A 100 34.86 20.52 8.09
N ALA A 101 34.37 19.96 6.99
CA ALA A 101 35.12 20.10 5.75
C ALA A 101 35.38 21.56 5.44
N VAL A 102 34.33 22.34 5.15
CA VAL A 102 34.53 23.65 4.53
C VAL A 102 35.28 24.61 5.43
N LEU A 103 35.07 24.51 6.73
CA LEU A 103 35.74 25.44 7.62
C LEU A 103 37.12 24.95 7.98
N VAL A 104 37.26 23.72 8.45
CA VAL A 104 38.50 23.33 9.09
C VAL A 104 39.48 22.72 8.10
N MET A 105 39.05 21.84 7.19
CA MET A 105 40.05 21.03 6.48
C MET A 105 40.93 21.84 5.55
N PRO A 106 40.41 22.67 4.64
CA PRO A 106 41.29 23.25 3.63
C PRO A 106 42.41 24.07 4.20
N TRP A 107 42.14 24.84 5.25
CA TRP A 107 43.22 25.64 5.81
C TRP A 107 44.32 24.77 6.39
N LYS A 108 43.95 23.71 7.09
CA LYS A 108 44.97 22.83 7.63
C LYS A 108 45.71 22.12 6.52
N ALA A 109 45.02 21.76 5.45
CA ALA A 109 45.71 21.12 4.33
C ALA A 109 46.70 22.06 3.67
N VAL A 110 46.32 23.32 3.51
CA VAL A 110 47.24 24.28 2.93
C VAL A 110 48.44 24.45 3.83
N ALA A 111 48.22 24.60 5.14
CA ALA A 111 49.34 24.72 6.05
C ALA A 111 50.22 23.48 6.07
N GLU A 112 49.64 22.32 5.80
CA GLU A 112 50.45 21.11 5.79
C GLU A 112 51.29 21.02 4.53
N ILE A 113 50.75 21.50 3.41
CA ILE A 113 51.50 21.45 2.16
C ILE A 113 52.59 22.52 2.17
N ALA A 114 52.19 23.78 2.36
CA ALA A 114 53.16 24.87 2.30
C ALA A 114 54.16 24.77 3.45
N GLY A 115 53.76 24.16 4.55
CA GLY A 115 54.60 24.00 5.70
C GLY A 115 54.53 25.14 6.71
N PHE A 116 54.16 26.33 6.29
CA PHE A 116 54.00 27.47 7.17
C PHE A 116 52.55 27.95 7.14
N TRP A 117 52.05 28.38 8.29
CA TRP A 117 50.68 28.86 8.37
C TRP A 117 50.59 30.25 7.80
N PRO A 118 50.01 30.43 6.62
CA PRO A 118 50.02 31.75 5.95
C PRO A 118 48.87 32.67 6.30
N PHE A 119 48.10 32.41 7.35
CA PHE A 119 46.91 33.20 7.65
C PHE A 119 47.04 34.00 8.94
N GLY A 120 47.94 33.62 9.82
CA GLY A 120 48.26 34.40 11.02
C GLY A 120 47.08 34.53 11.96
N SER A 121 46.63 35.76 12.23
CA SER A 121 45.60 35.98 13.25
C SER A 121 44.33 35.18 13.01
N PHE A 122 44.17 34.65 11.80
CA PHE A 122 43.00 33.85 11.49
C PHE A 122 42.99 32.66 12.43
N CYS A 123 44.15 32.11 12.71
CA CYS A 123 44.21 30.74 13.12
C CYS A 123 43.69 30.64 14.52
N ASN A 124 43.74 31.73 15.30
CA ASN A 124 43.00 31.70 16.56
C ASN A 124 41.58 31.19 16.34
N ILE A 125 40.81 31.92 15.56
CA ILE A 125 39.51 31.51 15.07
C ILE A 125 39.53 30.06 14.58
N TRP A 126 40.49 29.74 13.72
CA TRP A 126 40.53 28.39 13.17
C TRP A 126 40.50 27.35 14.25
N VAL A 127 41.38 27.44 15.24
CA VAL A 127 41.38 26.35 16.22
C VAL A 127 40.04 26.28 16.90
N ALA A 128 39.44 27.44 17.19
CA ALA A 128 38.08 27.43 17.71
C ALA A 128 37.14 26.70 16.78
N PHE A 129 37.10 27.09 15.50
CA PHE A 129 36.30 26.36 14.54
C PHE A 129 36.49 24.86 14.66
N ASP A 130 37.74 24.42 14.70
CA ASP A 130 37.97 22.99 14.82
C ASP A 130 37.25 22.45 16.02
N ILE A 131 37.54 22.99 17.19
CA ILE A 131 36.94 22.45 18.40
C ILE A 131 35.43 22.45 18.30
N MET A 132 34.84 23.39 17.57
CA MET A 132 33.40 23.33 17.46
C MET A 132 32.97 22.26 16.49
N CYS A 133 33.47 22.30 15.25
CA CYS A 133 32.88 21.45 14.24
C CYS A 133 33.17 19.98 14.51
N SER A 134 34.41 19.64 14.78
CA SER A 134 34.72 18.28 15.14
C SER A 134 34.10 17.84 16.44
N THR A 135 33.40 18.69 17.17
CA THR A 135 32.62 18.25 18.32
C THR A 135 31.13 18.26 18.07
N ALA A 136 30.64 19.02 17.11
CA ALA A 136 29.24 18.80 16.82
C ALA A 136 29.04 17.49 16.09
N SER A 137 30.09 16.95 15.50
CA SER A 137 29.94 15.70 14.78
C SER A 137 29.83 14.61 15.79
N ILE A 138 30.83 14.43 16.62
CA ILE A 138 30.74 13.35 17.57
C ILE A 138 29.45 13.48 18.33
N LEU A 139 29.19 14.65 18.92
CA LEU A 139 27.91 14.85 19.60
C LEU A 139 26.73 14.31 18.81
N ASN A 140 26.59 14.71 17.54
CA ASN A 140 25.44 14.26 16.77
C ASN A 140 25.34 12.74 16.70
N LEU A 141 26.46 12.06 16.44
CA LEU A 141 26.40 10.60 16.48
C LEU A 141 25.74 10.13 17.76
N CYS A 142 26.25 10.59 18.91
CA CYS A 142 25.61 10.25 20.18
C CYS A 142 24.11 10.44 20.10
N VAL A 143 23.67 11.64 19.71
CA VAL A 143 22.23 11.90 19.63
C VAL A 143 21.55 10.86 18.76
N ILE A 144 22.04 10.66 17.54
CA ILE A 144 21.40 9.69 16.66
C ILE A 144 21.31 8.35 17.35
N SER A 145 22.40 7.93 17.99
CA SER A 145 22.35 6.66 18.71
C SER A 145 21.23 6.68 19.73
N VAL A 146 21.21 7.68 20.61
CA VAL A 146 20.11 7.76 21.56
C VAL A 146 18.79 7.71 20.84
N ASP A 147 18.66 8.45 19.74
CA ASP A 147 17.43 8.41 18.98
C ASP A 147 17.05 6.96 18.67
N ARG A 148 17.94 6.23 18.02
CA ARG A 148 17.62 4.85 17.67
C ARG A 148 17.18 4.08 18.88
N TYR A 149 17.85 4.29 20.00
CA TYR A 149 17.49 3.52 21.18
C TYR A 149 16.04 3.72 21.55
N TRP A 150 15.59 4.97 21.59
CA TRP A 150 14.21 5.18 22.00
C TRP A 150 13.23 4.52 21.04
N ALA A 151 13.59 4.40 19.77
CA ALA A 151 12.67 3.80 18.83
C ALA A 151 12.80 2.29 18.74
N ILE A 152 13.62 1.67 19.57
CA ILE A 152 13.68 0.21 19.57
C ILE A 152 13.45 -0.31 20.97
N SER A 153 13.74 0.49 21.97
CA SER A 153 13.50 0.06 23.32
C SER A 153 12.14 0.45 23.83
N SER A 154 11.48 1.41 23.21
CA SER A 154 10.17 1.85 23.68
C SER A 154 9.42 2.47 22.51
N PRO A 155 8.89 1.65 21.62
CA PRO A 155 8.30 2.18 20.40
C PRO A 155 7.06 3.02 20.64
N PHE A 156 6.21 2.64 21.58
CA PHE A 156 5.03 3.45 21.84
C PHE A 156 5.41 4.80 22.43
N ARG A 157 6.16 4.80 23.51
CA ARG A 157 6.61 6.05 24.09
C ARG A 157 7.33 6.90 23.06
N TYR A 158 8.15 6.27 22.22
CA TYR A 158 8.85 7.02 21.18
C TYR A 158 7.88 7.67 20.23
N GLU A 159 6.99 6.89 19.64
CA GLU A 159 6.09 7.43 18.64
C GLU A 159 5.21 8.51 19.22
N ARG A 160 5.03 8.52 20.54
CA ARG A 160 4.19 9.54 21.15
C ARG A 160 4.96 10.81 21.49
N LYS A 161 6.07 10.67 22.24
CA LYS A 161 6.75 11.81 22.82
C LYS A 161 7.74 12.51 21.89
N MET A 162 8.44 11.77 21.03
CA MET A 162 9.43 12.44 20.20
C MET A 162 8.74 13.18 19.06
N THR A 163 8.33 14.35 19.35
CA THR A 163 7.76 15.38 18.52
C THR A 163 8.81 16.39 18.10
N PRO A 164 8.66 17.03 16.93
CA PRO A 164 9.67 17.96 16.44
C PRO A 164 10.19 18.97 17.46
N LYS A 165 9.41 19.27 18.50
CA LYS A 165 9.93 20.12 19.56
C LYS A 165 11.08 19.45 20.31
N ALA A 166 10.94 18.16 20.64
CA ALA A 166 12.04 17.48 21.31
C ALA A 166 13.21 17.27 20.37
N ALA A 167 12.96 17.04 19.09
CA ALA A 167 14.05 16.94 18.15
C ALA A 167 14.85 18.23 18.07
N PHE A 168 14.16 19.36 17.97
CA PHE A 168 14.88 20.62 17.91
C PHE A 168 15.61 20.91 19.21
N ILE A 169 15.04 20.51 20.34
CA ILE A 169 15.75 20.73 21.58
C ILE A 169 17.03 19.90 21.63
N LEU A 170 16.97 18.65 21.18
CA LEU A 170 18.18 17.82 21.20
C LEU A 170 19.25 18.33 20.24
N ILE A 171 18.86 18.66 19.01
CA ILE A 171 19.84 19.21 18.07
C ILE A 171 20.46 20.48 18.65
N SER A 172 19.63 21.31 19.26
CA SER A 172 20.13 22.54 19.86
C SER A 172 21.11 22.23 20.96
N VAL A 173 20.82 21.25 21.80
CA VAL A 173 21.74 20.91 22.87
C VAL A 173 23.08 20.50 22.31
N ALA A 174 23.08 19.66 21.28
CA ALA A 174 24.36 19.25 20.70
C ALA A 174 25.12 20.47 20.19
N TRP A 175 24.51 21.28 19.34
CA TRP A 175 25.23 22.40 18.74
C TRP A 175 25.66 23.42 19.79
N THR A 176 24.83 23.65 20.79
CA THR A 176 25.17 24.64 21.80
C THR A 176 26.23 24.15 22.76
N LEU A 177 26.26 22.85 23.06
CA LEU A 177 27.37 22.33 23.82
C LEU A 177 28.65 22.51 23.04
N SER A 178 28.58 22.24 21.74
CA SER A 178 29.74 22.43 20.88
C SER A 178 30.23 23.88 20.91
N VAL A 179 29.35 24.82 20.58
CA VAL A 179 29.74 26.21 20.48
C VAL A 179 30.32 26.69 21.80
N LEU A 180 29.65 26.38 22.90
CA LEU A 180 30.18 26.78 24.19
C LEU A 180 31.58 26.24 24.38
N ILE A 181 31.72 24.92 24.42
CA ILE A 181 33.00 24.34 24.81
C ILE A 181 34.12 24.74 23.86
N SER A 182 33.80 25.09 22.61
CA SER A 182 34.86 25.52 21.70
C SER A 182 35.20 26.99 21.85
N PHE A 183 34.25 27.85 21.51
CA PHE A 183 34.55 29.27 21.38
C PHE A 183 34.85 29.89 22.73
N ILE A 184 34.02 29.60 23.74
CA ILE A 184 34.09 30.36 24.98
C ILE A 184 35.48 30.26 25.57
N PRO A 185 36.14 29.10 25.62
CA PRO A 185 37.51 29.11 26.15
C PRO A 185 38.52 29.70 25.18
N VAL A 186 38.21 29.79 23.89
CA VAL A 186 39.15 30.40 22.97
C VAL A 186 39.17 31.91 23.15
N GLN A 187 38.03 32.56 22.98
CA GLN A 187 38.02 34.01 23.10
C GLN A 187 38.51 34.46 24.47
N LEU A 188 38.39 33.63 25.49
CA LEU A 188 38.99 33.94 26.77
C LEU A 188 40.38 33.35 26.91
N SER A 189 40.92 32.75 25.85
CA SER A 189 42.31 32.28 25.86
C SER A 189 42.56 31.32 27.02
N TRP A 190 41.64 30.37 27.21
CA TRP A 190 41.86 29.33 28.19
C TRP A 190 42.44 28.06 27.60
N HIS A 191 42.40 27.90 26.28
CA HIS A 191 42.84 26.65 25.68
C HIS A 191 44.35 26.55 25.57
N LYS A 192 45.05 27.67 25.58
CA LYS A 192 46.50 27.69 25.46
C LYS A 192 47.14 27.64 26.83
N ALA A 193 48.20 26.85 26.94
CA ALA A 193 48.87 26.66 28.22
C ALA A 193 49.76 27.84 28.55
N ASN A 212 54.08 29.74 10.96
CA ASN A 212 53.30 28.68 11.59
C ASN A 212 52.52 29.22 12.78
N CYS A 213 51.31 28.72 12.96
CA CYS A 213 50.44 29.16 14.05
C CYS A 213 50.16 28.01 15.01
N ASP A 214 50.35 28.27 16.30
CA ASP A 214 50.22 27.22 17.29
C ASP A 214 48.79 26.72 17.32
N SER A 215 48.64 25.40 17.49
CA SER A 215 47.33 24.82 17.73
C SER A 215 47.29 23.90 18.93
N SER A 216 48.34 23.86 19.74
CA SER A 216 48.35 22.97 20.90
C SER A 216 47.34 23.45 21.93
N LEU A 217 46.94 22.54 22.81
CA LEU A 217 45.92 22.82 23.82
C LEU A 217 46.48 22.64 25.22
N SER A 218 46.04 23.49 26.14
CA SER A 218 46.48 23.42 27.53
C SER A 218 46.13 22.06 28.12
N ARG A 219 46.92 21.65 29.13
CA ARG A 219 46.78 20.30 29.65
C ARG A 219 45.40 20.06 30.26
N THR A 220 44.87 21.03 30.99
CA THR A 220 43.55 20.85 31.60
C THR A 220 42.43 21.00 30.58
N TYR A 221 42.57 21.94 29.63
CA TYR A 221 41.52 22.12 28.65
C TYR A 221 41.47 20.94 27.71
N ALA A 222 42.63 20.41 27.34
CA ALA A 222 42.65 19.23 26.49
C ALA A 222 41.85 18.11 27.11
N ILE A 223 42.20 17.73 28.34
CA ILE A 223 41.51 16.60 28.96
C ILE A 223 40.03 16.93 29.18
N SER A 224 39.70 18.15 29.56
CA SER A 224 38.30 18.46 29.83
C SER A 224 37.47 18.42 28.57
N SER A 225 37.83 19.22 27.56
CA SER A 225 37.04 19.20 26.34
C SER A 225 37.10 17.85 25.67
N SER A 226 38.17 17.09 25.88
CA SER A 226 38.23 15.75 25.34
C SER A 226 37.24 14.83 26.05
N VAL A 227 37.28 14.80 27.38
CA VAL A 227 36.33 14.00 28.13
C VAL A 227 34.92 14.28 27.63
N ILE A 228 34.50 15.55 27.60
CA ILE A 228 33.15 15.80 27.08
C ILE A 228 33.05 15.23 25.68
N SER A 229 33.76 15.85 24.72
CA SER A 229 33.40 15.68 23.32
C SER A 229 33.54 14.26 22.85
N PHE A 230 34.50 13.50 23.36
CA PHE A 230 34.62 12.11 22.98
C PHE A 230 34.06 11.17 24.03
N TYR A 231 34.61 11.23 25.25
CA TYR A 231 34.39 10.16 26.19
C TYR A 231 32.98 10.14 26.75
N ILE A 232 32.20 11.21 26.64
CA ILE A 232 30.81 11.05 27.04
C ILE A 232 30.04 10.42 25.88
N PRO A 233 30.16 10.93 24.65
CA PRO A 233 29.47 10.25 23.54
C PRO A 233 29.90 8.82 23.31
N VAL A 234 31.16 8.44 23.47
CA VAL A 234 31.49 7.05 23.18
C VAL A 234 30.92 6.14 24.25
N ALA A 235 30.87 6.60 25.48
CA ALA A 235 30.25 5.78 26.51
C ALA A 235 28.78 5.61 26.21
N ILE A 236 28.10 6.72 25.90
CA ILE A 236 26.68 6.63 25.59
C ILE A 236 26.44 5.75 24.37
N MET A 237 27.28 5.83 23.34
CA MET A 237 27.04 5.04 22.14
C MET A 237 27.28 3.56 22.40
N ILE A 238 28.31 3.20 23.15
CA ILE A 238 28.52 1.79 23.42
C ILE A 238 27.39 1.24 24.27
N VAL A 239 26.97 1.97 25.29
CA VAL A 239 25.86 1.48 26.11
C VAL A 239 24.62 1.30 25.25
N THR A 240 24.29 2.31 24.46
CA THR A 240 23.09 2.23 23.65
C THR A 240 23.14 1.07 22.68
N TYR A 241 24.23 0.93 21.94
CA TYR A 241 24.26 -0.10 20.92
C TYR A 241 24.35 -1.49 21.52
N THR A 242 24.94 -1.64 22.69
CA THR A 242 24.89 -2.98 23.26
C THR A 242 23.48 -3.32 23.72
N ARG A 243 22.70 -2.33 24.17
CA ARG A 243 21.31 -2.63 24.50
C ARG A 243 20.51 -2.98 23.26
N ILE A 244 20.72 -2.24 22.17
CA ILE A 244 20.03 -2.56 20.92
C ILE A 244 20.41 -3.96 20.46
N TYR A 245 21.66 -4.36 20.68
CA TYR A 245 22.04 -5.71 20.31
C TYR A 245 21.31 -6.73 21.15
N ARG A 246 21.21 -6.51 22.45
CA ARG A 246 20.45 -7.44 23.28
C ARG A 246 19.04 -7.61 22.75
N ILE A 247 18.40 -6.51 22.36
CA ILE A 247 17.03 -6.59 21.89
C ILE A 247 16.97 -7.39 20.59
N ALA A 248 17.88 -7.12 19.67
CA ALA A 248 17.85 -7.84 18.40
C ALA A 248 18.10 -9.32 18.62
N GLN A 249 18.94 -9.67 19.59
CA GLN A 249 19.17 -11.08 19.88
C GLN A 249 17.90 -11.74 20.40
N LYS A 250 17.16 -11.05 21.26
CA LYS A 250 15.88 -11.58 21.71
C LYS A 250 14.97 -11.87 20.53
N GLN A 251 14.78 -10.89 19.65
CA GLN A 251 13.89 -11.10 18.52
C GLN A 251 14.39 -12.21 17.61
N ILE A 252 15.71 -12.32 17.45
CA ILE A 252 16.26 -13.37 16.59
C ILE A 252 15.95 -14.74 17.18
N ARG A 253 16.14 -14.89 18.48
CA ARG A 253 15.82 -16.15 19.11
C ARG A 253 14.35 -16.50 18.90
N ARG A 254 13.47 -15.51 19.03
CA ARG A 254 12.05 -15.81 18.88
C ARG A 254 11.71 -16.24 17.46
N ILE A 255 12.17 -15.48 16.47
CA ILE A 255 11.89 -15.84 15.08
C ILE A 255 12.49 -17.20 14.74
N ALA A 256 13.67 -17.50 15.28
CA ALA A 256 14.27 -18.80 15.01
C ALA A 256 13.45 -19.91 15.61
N ALA A 257 12.90 -19.68 16.81
CA ALA A 257 12.01 -20.67 17.40
C ALA A 257 10.84 -20.94 16.48
N LEU A 258 10.20 -19.88 16.01
CA LEU A 258 9.05 -20.06 15.15
C LEU A 258 9.41 -20.77 13.85
N GLU A 259 10.53 -20.37 13.23
CA GLU A 259 10.88 -20.97 11.95
C GLU A 259 11.26 -22.43 12.10
N ARG A 260 11.88 -22.80 13.23
CA ARG A 260 12.21 -24.21 13.43
C ARG A 260 10.94 -25.02 13.66
N ALA A 261 9.97 -24.45 14.38
CA ALA A 261 8.68 -25.08 14.50
C ALA A 261 8.05 -25.30 13.13
N ALA A 262 8.09 -24.27 12.29
CA ALA A 262 7.52 -24.37 10.96
C ALA A 262 8.20 -25.47 10.14
N VAL A 263 9.53 -25.48 10.12
CA VAL A 263 10.23 -26.45 9.29
C VAL A 263 10.04 -27.86 9.80
N HIS A 264 9.87 -28.04 11.10
CA HIS A 264 9.60 -29.36 11.64
C HIS A 264 8.21 -29.84 11.22
N PHE A 291 23.20 -18.97 11.24
CA PHE A 291 23.29 -17.74 12.01
C PHE A 291 23.53 -16.57 11.08
N LYS A 292 22.71 -16.51 10.02
CA LYS A 292 22.80 -15.43 9.07
C LYS A 292 22.30 -14.10 9.65
N ARG A 293 21.12 -14.10 10.28
CA ARG A 293 20.70 -12.85 10.90
C ARG A 293 21.60 -12.39 12.04
N GLU A 294 22.17 -13.33 12.80
CA GLU A 294 23.18 -12.96 13.78
C GLU A 294 24.39 -12.32 13.13
N THR A 295 24.85 -12.87 12.01
CA THR A 295 25.95 -12.25 11.30
C THR A 295 25.58 -10.88 10.77
N LYS A 296 24.32 -10.69 10.35
CA LYS A 296 23.89 -9.38 9.86
C LYS A 296 23.88 -8.35 10.97
N VAL A 297 23.34 -8.72 12.14
CA VAL A 297 23.38 -7.83 13.29
C VAL A 297 24.81 -7.44 13.59
N LEU A 298 25.69 -8.43 13.70
CA LEU A 298 27.08 -8.14 14.01
C LEU A 298 27.69 -7.24 12.96
N LYS A 299 27.42 -7.48 11.69
CA LYS A 299 28.03 -6.66 10.67
C LYS A 299 27.61 -5.22 10.79
N THR A 300 26.32 -4.95 10.96
CA THR A 300 25.93 -3.55 10.96
C THR A 300 26.39 -2.84 12.23
N LEU A 301 26.22 -3.46 13.40
CA LEU A 301 26.69 -2.80 14.60
C LEU A 301 28.19 -2.62 14.59
N SER A 302 28.93 -3.64 14.15
CA SER A 302 30.37 -3.50 14.07
C SER A 302 30.78 -2.41 13.10
N VAL A 303 30.15 -2.33 11.94
CA VAL A 303 30.54 -1.26 11.02
C VAL A 303 30.36 0.09 11.68
N ILE A 304 29.19 0.35 12.25
CA ILE A 304 28.95 1.68 12.82
C ILE A 304 29.94 1.97 13.94
N MET A 305 29.93 1.15 15.00
CA MET A 305 30.76 1.47 16.14
C MET A 305 32.24 1.40 15.81
N GLY A 306 32.65 0.47 14.95
CA GLY A 306 34.05 0.34 14.65
C GLY A 306 34.56 1.41 13.74
N VAL A 307 33.80 1.89 12.77
CA VAL A 307 34.30 3.03 12.00
C VAL A 307 34.45 4.22 12.92
N PHE A 308 33.43 4.51 13.73
CA PHE A 308 33.56 5.64 14.64
C PHE A 308 34.79 5.51 15.52
N VAL A 309 34.97 4.35 16.16
CA VAL A 309 36.07 4.21 17.11
C VAL A 309 37.41 4.21 16.38
N CYS A 310 37.59 3.34 15.39
CA CYS A 310 38.88 3.26 14.74
C CYS A 310 39.24 4.56 14.05
N CYS A 311 38.28 5.47 13.88
CA CYS A 311 38.66 6.74 13.27
C CYS A 311 38.96 7.81 14.32
N TRP A 312 38.22 7.85 15.43
CA TRP A 312 38.43 8.95 16.36
C TRP A 312 39.27 8.56 17.57
N LEU A 313 39.18 7.31 18.03
CA LEU A 313 39.79 6.95 19.31
C LEU A 313 41.29 7.25 19.36
N PRO A 314 42.10 6.97 18.35
CA PRO A 314 43.51 7.29 18.47
C PRO A 314 43.74 8.75 18.72
N PHE A 315 43.03 9.60 18.00
CA PHE A 315 43.23 11.04 18.18
C PHE A 315 42.93 11.45 19.61
N PHE A 316 41.93 10.85 20.24
CA PHE A 316 41.58 11.36 21.54
C PHE A 316 42.46 10.76 22.63
N ILE A 317 42.92 9.51 22.46
CA ILE A 317 43.93 9.06 23.40
C ILE A 317 45.21 9.89 23.24
N LEU A 318 45.47 10.42 22.04
CA LEU A 318 46.60 11.35 21.93
C LEU A 318 46.32 12.64 22.68
N ASN A 319 45.22 13.33 22.39
CA ASN A 319 44.90 14.53 23.17
C ASN A 319 45.01 14.28 24.67
N CYS A 320 44.77 13.04 25.10
CA CYS A 320 44.98 12.70 26.51
C CYS A 320 46.47 12.68 26.84
N ILE A 321 47.26 11.91 26.09
CA ILE A 321 48.63 11.58 26.51
C ILE A 321 49.59 12.71 26.17
N LEU A 322 49.38 13.37 25.04
CA LEU A 322 50.38 14.27 24.46
C LEU A 322 50.65 15.52 25.30
N PRO A 323 49.69 16.38 25.59
CA PRO A 323 50.04 17.60 26.35
C PRO A 323 50.62 17.31 27.70
N PHE A 324 50.28 16.19 28.34
CA PHE A 324 50.90 15.89 29.61
C PHE A 324 52.37 15.55 29.44
N CYS A 325 52.69 14.77 28.40
CA CYS A 325 54.04 14.26 28.16
C CYS A 325 54.80 15.08 27.14
N GLY A 326 54.36 16.30 26.86
CA GLY A 326 54.99 17.11 25.84
C GLY A 326 56.44 17.42 26.15
N CYS A 334 56.12 9.71 24.31
CA CYS A 334 55.52 10.81 23.56
C CYS A 334 55.73 10.62 22.07
N ILE A 335 55.06 11.43 21.26
CA ILE A 335 55.09 11.31 19.82
C ILE A 335 55.44 12.67 19.22
N ASP A 336 55.51 12.72 17.89
CA ASP A 336 55.86 13.93 17.18
C ASP A 336 54.66 14.52 16.45
N SER A 337 54.89 15.70 15.87
CA SER A 337 53.82 16.43 15.21
C SER A 337 53.31 15.69 13.99
N ASN A 338 54.18 14.93 13.30
CA ASN A 338 53.72 14.30 12.07
C ASN A 338 52.76 13.16 12.38
N THR A 339 53.11 12.35 13.38
CA THR A 339 52.23 11.27 13.79
C THR A 339 50.93 11.83 14.34
N PHE A 340 51.05 12.83 15.22
CA PHE A 340 49.83 13.46 15.72
C PHE A 340 48.99 14.03 14.58
N ASP A 341 49.62 14.50 13.51
CA ASP A 341 48.86 15.12 12.44
C ASP A 341 48.14 14.07 11.62
N VAL A 342 48.76 12.93 11.36
CA VAL A 342 48.04 11.90 10.62
C VAL A 342 46.90 11.34 11.46
N PHE A 343 47.12 11.21 12.76
CA PHE A 343 46.01 10.74 13.58
C PHE A 343 44.90 11.79 13.68
N VAL A 344 45.24 13.07 13.61
CA VAL A 344 44.21 14.09 13.47
C VAL A 344 43.42 13.88 12.19
N TRP A 345 44.13 13.73 11.07
CA TRP A 345 43.45 13.58 9.79
C TRP A 345 42.50 12.40 9.77
N PHE A 346 42.79 11.35 10.53
CA PHE A 346 41.85 10.24 10.57
C PHE A 346 40.46 10.66 11.06
N GLY A 347 40.41 11.60 12.00
CA GLY A 347 39.12 12.05 12.48
C GLY A 347 38.28 12.66 11.38
N TRP A 348 38.88 13.57 10.64
CA TRP A 348 38.14 14.14 9.53
C TRP A 348 37.92 13.11 8.42
N ALA A 349 38.69 12.04 8.40
CA ALA A 349 38.33 10.95 7.48
C ALA A 349 37.00 10.31 7.89
N ASN A 350 36.80 10.09 9.17
CA ASN A 350 35.49 9.65 9.63
C ASN A 350 34.41 10.66 9.27
N SER A 351 34.71 11.94 9.40
CA SER A 351 33.75 12.96 9.00
C SER A 351 33.43 12.85 7.53
N SER A 352 34.32 12.25 6.77
CA SER A 352 34.07 11.98 5.35
C SER A 352 33.19 10.74 5.18
N LEU A 353 33.45 9.71 5.97
CA LEU A 353 32.74 8.44 5.81
C LEU A 353 31.32 8.46 6.34
N ASN A 354 30.99 9.42 7.18
CA ASN A 354 29.66 9.41 7.81
C ASN A 354 28.49 9.28 6.84
N PRO A 355 28.46 9.93 5.67
CA PRO A 355 27.29 9.77 4.80
C PRO A 355 27.03 8.32 4.44
N ILE A 356 28.04 7.56 4.02
CA ILE A 356 27.73 6.23 3.53
C ILE A 356 27.29 5.34 4.67
N ILE A 357 27.63 5.68 5.91
CA ILE A 357 27.26 4.79 6.99
C ILE A 357 25.95 5.19 7.65
N TYR A 358 25.54 6.44 7.55
CA TYR A 358 24.30 6.85 8.18
C TYR A 358 23.22 7.31 7.23
N ALA A 359 23.44 7.27 5.93
CA ALA A 359 22.41 7.72 5.02
C ALA A 359 22.33 6.81 3.81
N PHE A 360 22.43 5.51 4.03
CA PHE A 360 22.20 4.55 2.96
C PHE A 360 21.01 3.64 3.25
N ASN A 361 19.94 4.22 3.76
CA ASN A 361 18.68 3.52 3.69
C ASN A 361 18.23 3.53 2.24
N ALA A 362 17.33 2.61 1.89
CA ALA A 362 16.93 2.46 0.50
C ALA A 362 16.44 3.79 -0.09
N ASP A 363 15.59 4.51 0.65
CA ASP A 363 15.10 5.79 0.14
C ASP A 363 16.23 6.80 -0.02
N PHE A 364 17.18 6.83 0.92
CA PHE A 364 18.34 7.71 0.73
C PHE A 364 19.12 7.34 -0.52
N ARG A 365 19.31 6.04 -0.75
CA ARG A 365 20.02 5.59 -1.93
C ARG A 365 19.33 6.07 -3.19
N LYS A 366 18.01 5.91 -3.23
CA LYS A 366 17.27 6.29 -4.42
C LYS A 366 17.25 7.79 -4.61
N ALA A 367 17.20 8.56 -3.52
CA ALA A 367 17.24 10.00 -3.65
C ALA A 367 18.57 10.45 -4.22
N PHE A 368 19.67 9.85 -3.74
CA PHE A 368 20.98 10.15 -4.33
C PHE A 368 21.01 9.78 -5.80
N SER A 369 20.49 8.60 -6.14
CA SER A 369 20.54 8.14 -7.52
C SER A 369 19.75 9.05 -8.46
N THR A 370 18.60 9.55 -8.01
CA THR A 370 17.83 10.45 -8.85
C THR A 370 18.38 11.87 -8.81
N LEU A 371 19.16 12.22 -7.80
CA LEU A 371 19.78 13.55 -7.80
C LEU A 371 20.96 13.58 -8.75
N LEU A 372 21.97 12.75 -8.48
CA LEU A 372 23.17 12.79 -9.30
C LEU A 372 22.97 12.18 -10.68
N GLY A 373 22.10 11.19 -10.81
CA GLY A 373 21.83 10.61 -12.11
C GLY A 373 21.99 9.10 -12.12
N GLN B 7 -9.68 42.86 -2.45
CA GLN B 7 -9.31 41.50 -2.82
C GLN B 7 -8.14 40.99 -1.98
N ARG B 8 -7.37 41.92 -1.43
CA ARG B 8 -6.37 41.56 -0.43
C ARG B 8 -7.02 41.06 0.85
N ASN B 9 -8.21 41.58 1.16
CA ASN B 9 -8.94 41.03 2.28
C ASN B 9 -9.25 39.55 2.07
N GLU B 10 -9.64 39.16 0.85
CA GLU B 10 -9.90 37.74 0.63
C GLU B 10 -8.64 36.88 0.65
N GLU B 11 -7.48 37.43 0.28
CA GLU B 11 -6.26 36.64 0.45
C GLU B 11 -5.92 36.47 1.91
N LYS B 12 -6.19 37.49 2.73
CA LYS B 12 -5.88 37.33 4.13
C LYS B 12 -6.90 36.45 4.82
N ALA B 13 -8.13 36.43 4.31
CA ALA B 13 -9.12 35.55 4.89
C ALA B 13 -8.80 34.12 4.54
N GLN B 14 -8.28 33.88 3.33
CA GLN B 14 -7.89 32.52 3.00
C GLN B 14 -6.68 32.11 3.80
N ARG B 15 -5.79 33.06 4.09
CA ARG B 15 -4.59 32.71 4.84
C ARG B 15 -4.94 32.37 6.28
N GLU B 16 -5.88 33.10 6.88
CA GLU B 16 -6.23 32.78 8.25
C GLU B 16 -7.17 31.60 8.36
N ALA B 17 -7.95 31.34 7.32
CA ALA B 17 -8.67 30.07 7.28
C ALA B 17 -7.69 28.91 7.20
N ASN B 18 -6.64 29.05 6.40
CA ASN B 18 -5.61 28.01 6.39
C ASN B 18 -4.93 27.90 7.73
N LYS B 19 -4.75 28.99 8.46
CA LYS B 19 -4.09 28.85 9.75
C LYS B 19 -4.98 28.10 10.74
N LYS B 20 -6.27 28.44 10.81
CA LYS B 20 -7.13 27.71 11.73
C LYS B 20 -7.28 26.25 11.33
N ILE B 21 -7.21 25.99 10.02
CA ILE B 21 -7.35 24.62 9.56
C ILE B 21 -6.11 23.85 9.90
N GLU B 22 -4.95 24.42 9.60
CA GLU B 22 -3.71 23.70 9.80
C GLU B 22 -3.49 23.42 11.26
N LYS B 23 -3.96 24.29 12.16
CA LYS B 23 -3.75 23.95 13.56
C LYS B 23 -4.77 22.93 14.06
N GLN B 24 -5.96 22.90 13.47
CA GLN B 24 -6.83 21.78 13.77
C GLN B 24 -6.28 20.48 13.19
N LEU B 25 -5.76 20.54 11.97
CA LEU B 25 -5.17 19.36 11.36
C LEU B 25 -3.91 18.93 12.07
N GLN B 26 -3.20 19.82 12.75
CA GLN B 26 -2.03 19.39 13.51
C GLN B 26 -2.45 18.64 14.77
N LYS B 27 -3.50 19.10 15.44
CA LYS B 27 -3.95 18.33 16.58
C LYS B 27 -4.53 16.99 16.13
N ASP B 28 -5.22 17.00 14.99
CA ASP B 28 -5.75 15.75 14.47
C ASP B 28 -4.64 14.82 14.05
N LYS B 29 -3.56 15.36 13.51
CA LYS B 29 -2.43 14.53 13.14
C LYS B 29 -1.85 13.84 14.35
N GLN B 30 -1.70 14.59 15.45
CA GLN B 30 -1.12 13.93 16.61
C GLN B 30 -2.03 12.85 17.19
N VAL B 31 -3.34 13.07 17.20
CA VAL B 31 -4.23 12.05 17.74
C VAL B 31 -4.25 10.81 16.84
N TYR B 32 -4.46 11.00 15.54
CA TYR B 32 -4.45 9.87 14.63
C TYR B 32 -3.09 9.17 14.62
N ARG B 33 -2.01 9.91 14.80
CA ARG B 33 -0.70 9.30 14.80
C ARG B 33 -0.51 8.42 16.01
N ALA B 34 -1.23 8.69 17.10
CA ALA B 34 -0.97 7.91 18.30
C ALA B 34 -1.99 6.79 18.49
N THR B 35 -2.90 6.60 17.56
CA THR B 35 -3.92 5.55 17.65
C THR B 35 -3.45 4.37 16.79
N HIS B 36 -3.42 3.18 17.37
CA HIS B 36 -3.04 1.97 16.65
C HIS B 36 -4.25 1.23 16.11
N ARG B 37 -4.49 1.34 14.81
CA ARG B 37 -5.60 0.69 14.15
C ARG B 37 -5.32 -0.80 13.98
N LEU B 38 -6.29 -1.63 14.33
CA LEU B 38 -6.20 -3.09 14.28
C LEU B 38 -7.36 -3.69 13.51
N LEU B 39 -7.10 -4.47 12.48
CA LEU B 39 -8.20 -5.06 11.72
C LEU B 39 -8.49 -6.45 12.20
N LEU B 40 -9.75 -6.76 12.49
CA LEU B 40 -10.12 -8.10 12.92
C LEU B 40 -10.60 -8.81 11.68
N LEU B 41 -9.98 -9.93 11.35
CA LEU B 41 -10.34 -10.71 10.19
C LEU B 41 -10.45 -12.19 10.55
N GLY B 42 -11.10 -12.94 9.70
CA GLY B 42 -11.27 -14.36 9.97
C GLY B 42 -12.60 -14.83 9.42
N ALA B 43 -12.74 -16.14 9.29
CA ALA B 43 -13.99 -16.64 8.78
C ALA B 43 -15.08 -16.30 9.78
N ASP B 44 -16.34 -16.44 9.36
CA ASP B 44 -17.39 -16.40 10.35
C ASP B 44 -17.50 -17.71 11.12
N ASN B 45 -18.40 -17.72 12.09
CA ASN B 45 -18.48 -18.81 13.07
C ASN B 45 -17.12 -19.04 13.73
N SER B 46 -16.32 -17.98 13.84
CA SER B 46 -15.02 -18.05 14.50
C SER B 46 -14.91 -17.16 15.73
N GLY B 47 -15.85 -16.25 15.94
CA GLY B 47 -15.85 -15.43 17.12
C GLY B 47 -15.26 -14.05 17.00
N LYS B 48 -15.14 -13.49 15.79
CA LYS B 48 -14.56 -12.17 15.69
C LYS B 48 -15.44 -11.16 16.42
N SER B 49 -16.74 -11.18 16.11
CA SER B 49 -17.66 -10.25 16.73
C SER B 49 -17.73 -10.51 18.23
N THR B 50 -17.57 -11.77 18.62
CA THR B 50 -17.56 -12.07 20.04
C THR B 50 -16.33 -11.49 20.70
N ILE B 51 -15.21 -11.44 19.99
CA ILE B 51 -14.00 -10.84 20.56
C ILE B 51 -14.20 -9.36 20.74
N VAL B 52 -14.82 -8.71 19.76
CA VAL B 52 -15.07 -7.27 19.89
C VAL B 52 -16.08 -7.00 20.99
N LYS B 53 -17.10 -7.84 21.09
CA LYS B 53 -18.09 -7.71 22.16
C LYS B 53 -17.43 -7.85 23.52
N GLN B 54 -16.51 -8.80 23.64
CA GLN B 54 -15.83 -8.99 24.92
C GLN B 54 -14.96 -7.79 25.25
N MET B 55 -14.31 -7.21 24.25
CA MET B 55 -13.45 -6.06 24.55
C MET B 55 -14.25 -4.84 24.97
N ARG B 56 -15.41 -4.64 24.36
CA ARG B 56 -16.21 -3.49 24.76
C ARG B 56 -16.74 -3.62 26.18
N ILE B 57 -16.99 -4.85 26.64
CA ILE B 57 -17.60 -5.01 27.95
C ILE B 57 -16.54 -5.12 29.04
N LEU B 58 -15.41 -5.76 28.75
CA LEU B 58 -14.35 -5.83 29.73
C LEU B 58 -13.53 -4.56 29.76
N HIS B 59 -12.88 -4.23 28.64
CA HIS B 59 -11.99 -3.08 28.63
C HIS B 59 -12.69 -1.80 28.23
N GLY B 60 -13.69 -1.89 27.38
CA GLY B 60 -14.40 -0.69 26.99
C GLY B 60 -14.39 -0.53 25.49
N GLY B 61 -15.09 0.49 24.98
CA GLY B 61 -15.15 0.67 23.55
C GLY B 61 -15.88 1.93 23.17
N SER B 62 -16.75 1.81 22.16
CA SER B 62 -17.50 2.95 21.66
C SER B 62 -19.01 2.71 21.83
N GLY B 70 -22.96 -6.01 17.34
CA GLY B 70 -22.30 -6.33 16.09
C GLY B 70 -21.69 -5.13 15.41
N ILE B 71 -21.61 -4.02 16.17
CA ILE B 71 -21.09 -2.79 15.62
C ILE B 71 -19.62 -2.96 15.25
N PHE B 72 -19.20 -2.23 14.22
CA PHE B 72 -17.95 -2.56 13.57
C PHE B 72 -16.74 -2.24 14.43
N GLU B 73 -16.81 -1.20 15.25
CA GLU B 73 -15.61 -0.69 15.89
C GLU B 73 -15.61 -0.85 17.39
N THR B 74 -14.42 -0.71 17.95
CA THR B 74 -14.17 -0.62 19.38
C THR B 74 -12.89 0.17 19.56
N LYS B 75 -12.86 1.02 20.57
CA LYS B 75 -11.70 1.86 20.87
C LYS B 75 -11.33 1.60 22.31
N PHE B 76 -10.10 1.16 22.56
CA PHE B 76 -9.69 0.82 23.90
C PHE B 76 -8.24 1.22 24.14
N GLN B 77 -7.90 1.43 25.41
CA GLN B 77 -6.57 1.88 25.79
C GLN B 77 -5.88 0.82 26.65
N VAL B 78 -4.64 0.55 26.31
CA VAL B 78 -3.76 -0.28 27.13
C VAL B 78 -2.53 0.56 27.43
N ASP B 79 -2.26 0.76 28.71
CA ASP B 79 -1.07 1.51 29.15
C ASP B 79 -0.93 2.82 28.39
N LYS B 80 -2.00 3.61 28.40
CA LYS B 80 -2.04 4.94 27.78
C LYS B 80 -1.78 4.91 26.28
N VAL B 81 -2.00 3.77 25.63
CA VAL B 81 -1.84 3.64 24.18
C VAL B 81 -3.18 3.20 23.62
N ASN B 82 -3.72 4.00 22.71
CA ASN B 82 -5.05 3.75 22.18
C ASN B 82 -4.97 2.82 21.00
N PHE B 83 -5.98 1.98 20.87
CA PHE B 83 -6.17 1.03 19.79
C PHE B 83 -7.59 1.19 19.29
N HIS B 84 -7.80 0.84 18.03
CA HIS B 84 -9.14 0.83 17.47
C HIS B 84 -9.26 -0.45 16.68
N MET B 85 -10.01 -1.40 17.21
CA MET B 85 -10.15 -2.68 16.55
C MET B 85 -11.52 -2.72 15.87
N PHE B 86 -11.54 -3.03 14.60
CA PHE B 86 -12.78 -3.07 13.86
C PHE B 86 -12.89 -4.35 13.06
N ASP B 87 -14.07 -4.95 13.09
CA ASP B 87 -14.37 -6.12 12.28
C ASP B 87 -15.47 -5.72 11.32
N VAL B 88 -15.30 -6.01 10.04
CA VAL B 88 -16.32 -5.60 9.11
C VAL B 88 -17.34 -6.72 9.01
N GLY B 89 -18.60 -6.38 9.22
CA GLY B 89 -19.64 -7.38 9.25
C GLY B 89 -20.63 -7.37 8.11
N GLY B 90 -21.09 -6.17 7.77
CA GLY B 90 -22.00 -5.97 6.66
C GLY B 90 -21.49 -5.97 5.24
N GLN B 91 -20.59 -6.87 4.88
CA GLN B 91 -20.26 -7.02 3.48
C GLN B 91 -20.66 -8.40 3.00
N ARG B 92 -20.43 -8.62 1.71
CA ARG B 92 -20.55 -9.92 1.08
C ARG B 92 -19.35 -10.77 1.45
N ASP B 93 -19.10 -11.82 0.68
CA ASP B 93 -18.00 -12.70 0.97
C ASP B 93 -16.82 -12.50 0.03
N GLU B 94 -17.00 -11.71 -1.02
CA GLU B 94 -15.87 -11.40 -1.89
C GLU B 94 -15.09 -10.29 -1.23
N ARG B 95 -14.20 -10.66 -0.33
CA ARG B 95 -13.34 -9.69 0.31
C ARG B 95 -12.13 -9.34 -0.53
N ARG B 96 -12.19 -9.56 -1.83
CA ARG B 96 -11.02 -9.27 -2.66
C ARG B 96 -10.82 -7.80 -2.95
N LYS B 97 -11.80 -6.94 -2.74
CA LYS B 97 -11.53 -5.56 -3.05
C LYS B 97 -11.60 -4.62 -1.86
N TRP B 98 -12.47 -4.84 -0.90
CA TRP B 98 -12.38 -3.89 0.19
C TRP B 98 -11.22 -4.20 1.11
N ILE B 99 -10.55 -5.33 0.88
CA ILE B 99 -9.46 -5.67 1.76
C ILE B 99 -8.34 -4.68 1.55
N GLN B 100 -8.19 -4.18 0.32
CA GLN B 100 -7.15 -3.20 0.03
C GLN B 100 -7.40 -1.89 0.73
N CYS B 101 -8.52 -1.75 1.43
CA CYS B 101 -8.75 -0.59 2.27
C CYS B 101 -7.98 -0.69 3.57
N PHE B 102 -7.25 -1.78 3.76
CA PHE B 102 -6.53 -2.05 5.01
C PHE B 102 -5.12 -2.41 4.61
N ASN B 103 -4.31 -1.40 4.39
CA ASN B 103 -2.92 -1.58 4.06
C ASN B 103 -2.01 -0.92 5.06
N ASP B 104 -2.55 -0.03 5.89
CA ASP B 104 -1.78 0.71 6.87
C ASP B 104 -2.12 0.32 8.29
N VAL B 105 -2.90 -0.73 8.49
CA VAL B 105 -3.25 -1.12 9.83
C VAL B 105 -2.00 -1.63 10.54
N THR B 106 -1.99 -1.54 11.85
CA THR B 106 -0.82 -1.99 12.58
C THR B 106 -0.70 -3.50 12.47
N ALA B 107 -1.82 -4.20 12.57
CA ALA B 107 -1.81 -5.64 12.50
C ALA B 107 -3.20 -6.13 12.13
N ILE B 108 -3.25 -7.32 11.58
CA ILE B 108 -4.48 -7.99 11.29
C ILE B 108 -4.59 -9.11 12.30
N ILE B 109 -5.71 -9.19 13.01
CA ILE B 109 -5.95 -10.25 13.98
C ILE B 109 -6.78 -11.29 13.28
N PHE B 110 -6.14 -12.38 12.86
CA PHE B 110 -6.83 -13.44 12.17
C PHE B 110 -7.30 -14.45 13.19
N VAL B 111 -8.60 -14.64 13.31
CA VAL B 111 -9.18 -15.55 14.27
C VAL B 111 -9.65 -16.77 13.53
N VAL B 112 -9.34 -17.96 14.03
CA VAL B 112 -9.71 -19.18 13.33
C VAL B 112 -10.34 -20.17 14.29
N ASP B 113 -11.52 -20.63 13.93
CA ASP B 113 -12.22 -21.65 14.69
C ASP B 113 -11.49 -22.97 14.52
N SER B 114 -10.60 -23.29 15.46
CA SER B 114 -9.80 -24.49 15.32
C SER B 114 -10.62 -25.75 15.50
N SER B 115 -11.85 -25.63 15.98
CA SER B 115 -12.69 -26.80 16.22
C SER B 115 -13.62 -27.14 15.06
N ASP B 116 -13.52 -26.43 13.94
CA ASP B 116 -14.39 -26.69 12.79
C ASP B 116 -13.52 -27.34 11.72
N TYR B 117 -13.43 -28.66 11.78
CA TYR B 117 -12.42 -29.40 11.05
C TYR B 117 -12.57 -29.29 9.53
N ASN B 118 -13.73 -28.86 9.03
CA ASN B 118 -13.90 -28.83 7.59
C ASN B 118 -13.93 -27.43 7.02
N ARG B 119 -14.35 -26.45 7.78
CA ARG B 119 -14.11 -25.08 7.34
C ARG B 119 -12.71 -24.60 7.70
N LEU B 120 -11.87 -25.50 8.23
CA LEU B 120 -10.51 -25.10 8.57
C LEU B 120 -9.63 -24.94 7.34
N GLN B 121 -9.86 -25.75 6.30
CA GLN B 121 -9.11 -25.56 5.07
C GLN B 121 -9.44 -24.22 4.46
N GLU B 122 -10.68 -23.76 4.62
CA GLU B 122 -11.02 -22.44 4.12
C GLU B 122 -10.20 -21.39 4.84
N ALA B 123 -10.02 -21.56 6.15
CA ALA B 123 -9.19 -20.61 6.90
C ALA B 123 -7.74 -20.68 6.46
N LEU B 124 -7.23 -21.88 6.17
CA LEU B 124 -5.85 -21.96 5.70
C LEU B 124 -5.69 -21.28 4.35
N ASN B 125 -6.64 -21.50 3.45
CA ASN B 125 -6.54 -20.85 2.14
C ASN B 125 -6.68 -19.34 2.27
N LEU B 126 -7.59 -18.86 3.11
CA LEU B 126 -7.70 -17.42 3.28
C LEU B 126 -6.46 -16.83 3.92
N PHE B 127 -5.86 -17.53 4.89
CA PHE B 127 -4.63 -17.01 5.48
C PHE B 127 -3.52 -16.98 4.47
N LYS B 128 -3.46 -17.98 3.59
CA LYS B 128 -2.41 -18.01 2.59
C LYS B 128 -2.61 -16.89 1.59
N SER B 129 -3.86 -16.63 1.23
CA SER B 129 -4.16 -15.57 0.29
C SER B 129 -3.92 -14.21 0.91
N ILE B 130 -4.08 -14.09 2.22
CA ILE B 130 -3.80 -12.83 2.90
C ILE B 130 -2.31 -12.63 2.98
N TRP B 131 -1.58 -13.69 3.28
CA TRP B 131 -0.16 -13.59 3.46
C TRP B 131 0.55 -13.22 2.17
N ASN B 132 0.04 -13.67 1.03
CA ASN B 132 0.69 -13.33 -0.24
C ASN B 132 0.02 -12.18 -0.98
N ASN B 133 -0.81 -11.39 -0.33
CA ASN B 133 -1.47 -10.31 -1.03
C ASN B 133 -0.47 -9.22 -1.37
N ARG B 134 -0.59 -8.64 -2.56
CA ARG B 134 0.37 -7.62 -2.94
C ARG B 134 0.27 -6.38 -2.06
N TRP B 135 -0.89 -6.10 -1.50
CA TRP B 135 -1.09 -4.88 -0.73
C TRP B 135 -1.10 -5.12 0.76
N LEU B 136 -0.89 -6.35 1.19
CA LEU B 136 -0.82 -6.64 2.61
C LEU B 136 0.45 -7.41 2.88
N ARG B 137 1.45 -7.16 2.05
CA ARG B 137 2.71 -7.87 2.14
C ARG B 137 3.44 -7.49 3.41
N THR B 138 3.15 -6.29 3.92
CA THR B 138 3.84 -5.73 5.06
C THR B 138 2.94 -5.64 6.29
N ILE B 139 1.74 -6.20 6.23
CA ILE B 139 0.82 -6.15 7.35
C ILE B 139 1.09 -7.41 8.13
N SER B 140 1.57 -7.27 9.35
CA SER B 140 1.77 -8.43 10.17
C SER B 140 0.45 -8.94 10.71
N VAL B 141 0.39 -10.25 10.92
CA VAL B 141 -0.83 -10.89 11.34
C VAL B 141 -0.62 -11.52 12.70
N ILE B 142 -1.60 -11.33 13.58
CA ILE B 142 -1.67 -11.95 14.89
C ILE B 142 -2.64 -13.12 14.79
N LEU B 143 -2.16 -14.33 14.99
CA LEU B 143 -2.98 -15.51 14.75
C LEU B 143 -3.63 -15.95 16.06
N PHE B 144 -4.96 -15.94 16.09
CA PHE B 144 -5.74 -16.44 17.22
C PHE B 144 -6.33 -17.80 16.86
N LEU B 145 -5.87 -18.85 17.51
CA LEU B 145 -6.44 -20.19 17.34
C LEU B 145 -7.56 -20.36 18.36
N ASN B 146 -8.76 -19.93 17.99
CA ASN B 146 -9.85 -19.76 18.94
C ASN B 146 -10.53 -21.09 19.26
N LYS B 147 -11.41 -21.05 20.27
CA LYS B 147 -12.24 -22.20 20.62
C LYS B 147 -11.39 -23.40 21.03
N GLN B 148 -10.42 -23.16 21.90
CA GLN B 148 -9.58 -24.27 22.36
C GLN B 148 -10.33 -25.22 23.28
N ASP B 149 -11.31 -24.73 24.03
CA ASP B 149 -12.08 -25.63 24.89
C ASP B 149 -12.88 -26.63 24.08
N LEU B 150 -13.52 -26.17 22.99
CA LEU B 150 -14.22 -27.10 22.13
C LEU B 150 -13.26 -28.06 21.45
N LEU B 151 -12.07 -27.57 21.09
CA LEU B 151 -11.08 -28.45 20.49
C LEU B 151 -10.70 -29.55 21.46
N ALA B 152 -10.48 -29.21 22.73
CA ALA B 152 -10.19 -30.24 23.72
C ALA B 152 -11.36 -31.19 23.88
N GLU B 153 -12.58 -30.68 23.76
CA GLU B 153 -13.76 -31.53 23.84
C GLU B 153 -13.73 -32.57 22.73
N LYS B 154 -13.46 -32.13 21.51
CA LYS B 154 -13.46 -33.06 20.38
C LYS B 154 -12.31 -34.03 20.48
N VAL B 155 -11.15 -33.58 20.94
CA VAL B 155 -10.01 -34.50 21.01
C VAL B 155 -10.25 -35.56 22.07
N LEU B 156 -10.76 -35.17 23.24
CA LEU B 156 -11.02 -36.16 24.27
C LEU B 156 -12.17 -37.08 23.89
N ALA B 157 -13.13 -36.58 23.12
CA ALA B 157 -14.23 -37.44 22.69
C ALA B 157 -13.75 -38.49 21.70
N GLY B 158 -12.84 -38.11 20.80
CA GLY B 158 -12.28 -39.06 19.86
C GLY B 158 -13.24 -39.53 18.81
N LYS B 159 -14.25 -38.72 18.48
CA LYS B 159 -15.21 -39.06 17.43
C LYS B 159 -14.84 -38.50 16.07
N SER B 160 -14.35 -37.27 16.01
CA SER B 160 -13.86 -36.68 14.76
C SER B 160 -12.36 -36.41 14.88
N LYS B 161 -11.56 -37.25 14.22
CA LYS B 161 -10.11 -37.18 14.32
C LYS B 161 -9.54 -36.37 13.16
N ILE B 162 -8.46 -35.64 13.45
CA ILE B 162 -7.86 -34.73 12.48
C ILE B 162 -7.32 -35.47 11.28
N GLU B 163 -6.90 -36.72 11.47
CA GLU B 163 -6.27 -37.48 10.39
C GLU B 163 -7.20 -37.70 9.21
N ASP B 164 -8.51 -37.71 9.45
CA ASP B 164 -9.43 -37.91 8.34
C ASP B 164 -9.43 -36.72 7.39
N TYR B 165 -9.10 -35.54 7.87
CA TYR B 165 -9.07 -34.36 7.01
C TYR B 165 -7.65 -33.95 6.62
N PHE B 166 -6.69 -34.12 7.52
CA PHE B 166 -5.28 -33.83 7.24
C PHE B 166 -4.47 -35.07 7.58
N PRO B 167 -4.29 -35.98 6.63
CA PRO B 167 -3.56 -37.23 6.91
C PRO B 167 -2.13 -37.02 7.38
N GLU B 168 -1.52 -35.86 7.10
CA GLU B 168 -0.19 -35.60 7.62
C GLU B 168 -0.16 -35.71 9.14
N PHE B 169 -1.30 -35.44 9.78
CA PHE B 169 -1.34 -35.46 11.24
C PHE B 169 -1.00 -36.84 11.78
N ALA B 170 -1.15 -37.88 10.96
CA ALA B 170 -0.84 -39.22 11.47
C ALA B 170 0.64 -39.36 11.74
N ARG B 171 1.48 -38.81 10.87
CA ARG B 171 2.92 -38.89 11.04
C ARG B 171 3.48 -37.68 11.76
N TYR B 172 2.62 -36.79 12.25
CA TYR B 172 3.06 -35.57 12.89
C TYR B 172 3.53 -35.81 14.31
N THR B 173 4.64 -35.19 14.68
CA THR B 173 5.21 -35.29 16.01
C THR B 173 5.09 -33.97 16.74
N THR B 174 4.62 -34.02 17.98
CA THR B 174 4.52 -32.82 18.79
C THR B 174 5.88 -32.14 18.91
N PRO B 175 5.97 -30.83 18.65
CA PRO B 175 7.28 -30.17 18.71
C PRO B 175 7.88 -30.29 20.10
N GLU B 176 9.21 -30.33 20.14
CA GLU B 176 9.96 -30.36 21.40
C GLU B 176 9.96 -29.06 22.16
N ASP B 177 9.46 -27.96 21.58
CA ASP B 177 9.43 -26.70 22.28
C ASP B 177 8.05 -26.40 22.86
N ALA B 178 7.13 -27.35 22.78
CA ALA B 178 5.76 -27.09 23.20
C ALA B 178 5.67 -26.89 24.70
N THR B 179 4.83 -25.94 25.11
CA THR B 179 4.60 -25.61 26.51
C THR B 179 3.10 -25.76 26.79
N PRO B 180 2.66 -26.97 27.10
CA PRO B 180 1.24 -27.16 27.42
C PRO B 180 0.93 -26.61 28.80
N GLU B 181 -0.31 -26.15 28.96
CA GLU B 181 -0.70 -25.64 30.25
C GLU B 181 -0.91 -26.81 31.21
N PRO B 182 -0.85 -26.56 32.51
CA PRO B 182 -1.00 -27.65 33.49
C PRO B 182 -2.33 -28.37 33.35
N GLY B 183 -2.26 -29.69 33.15
CA GLY B 183 -3.47 -30.47 33.00
C GLY B 183 -4.01 -30.53 31.59
N GLU B 184 -3.24 -31.08 30.65
CA GLU B 184 -3.67 -31.12 29.27
C GLU B 184 -3.26 -32.44 28.65
N ASP B 185 -4.19 -33.10 27.98
CA ASP B 185 -3.91 -34.38 27.34
C ASP B 185 -2.93 -34.19 26.18
N PRO B 186 -1.89 -35.02 26.09
CA PRO B 186 -0.95 -34.92 24.95
C PRO B 186 -1.60 -34.99 23.59
N ARG B 187 -2.76 -35.64 23.47
CA ARG B 187 -3.46 -35.62 22.19
C ARG B 187 -3.95 -34.22 21.86
N VAL B 188 -4.46 -33.51 22.86
CA VAL B 188 -4.91 -32.14 22.60
C VAL B 188 -3.72 -31.25 22.30
N THR B 189 -2.61 -31.47 23.02
CA THR B 189 -1.42 -30.68 22.75
C THR B 189 -0.95 -30.91 21.33
N ARG B 190 -0.97 -32.16 20.88
CA ARG B 190 -0.50 -32.45 19.54
C ARG B 190 -1.45 -31.88 18.52
N ALA B 191 -2.74 -31.84 18.83
CA ALA B 191 -3.70 -31.33 17.87
C ALA B 191 -3.56 -29.83 17.73
N LYS B 192 -3.49 -29.11 18.85
CA LYS B 192 -3.44 -27.66 18.75
C LYS B 192 -2.09 -27.17 18.27
N TYR B 193 -1.03 -27.91 18.54
CA TYR B 193 0.23 -27.47 17.99
C TYR B 193 0.35 -27.88 16.54
N PHE B 194 -0.40 -28.89 16.12
CA PHE B 194 -0.44 -29.22 14.70
C PHE B 194 -1.15 -28.14 13.91
N ILE B 195 -2.31 -27.68 14.40
CA ILE B 195 -2.95 -26.56 13.71
C ILE B 195 -2.05 -25.33 13.72
N ARG B 196 -1.35 -25.11 14.83
CA ARG B 196 -0.44 -23.98 14.88
C ARG B 196 0.61 -24.09 13.80
N ASP B 197 1.19 -25.27 13.64
CA ASP B 197 2.25 -25.35 12.66
C ASP B 197 1.71 -25.42 11.25
N GLU B 198 0.44 -25.79 11.09
CA GLU B 198 -0.14 -25.77 9.77
C GLU B 198 -0.30 -24.34 9.29
N PHE B 199 -0.56 -23.41 10.20
CA PHE B 199 -0.60 -22.02 9.77
C PHE B 199 0.79 -21.39 9.74
N LEU B 200 1.68 -21.82 10.61
CA LEU B 200 3.02 -21.25 10.57
C LEU B 200 3.83 -21.70 9.36
N ARG B 201 3.62 -22.91 8.83
CA ARG B 201 4.34 -23.30 7.62
C ARG B 201 3.98 -22.42 6.42
N ILE B 202 2.79 -21.85 6.41
CA ILE B 202 2.46 -20.93 5.33
C ILE B 202 2.96 -19.56 5.68
N SER B 203 2.85 -19.15 6.94
CA SER B 203 3.26 -17.78 7.19
C SER B 203 4.76 -17.62 7.04
N THR B 204 5.52 -18.65 7.40
CA THR B 204 6.97 -18.61 7.27
C THR B 204 7.47 -19.08 5.91
N ALA B 205 6.61 -19.64 5.06
CA ALA B 205 7.14 -20.10 3.78
C ALA B 205 7.43 -18.95 2.84
N SER B 206 6.81 -17.79 3.04
CA SER B 206 7.06 -16.66 2.16
C SER B 206 8.36 -15.97 2.57
N GLY B 207 8.48 -15.62 3.84
CA GLY B 207 9.71 -15.00 4.31
C GLY B 207 9.77 -13.52 4.04
N ASP B 208 10.98 -13.06 3.79
CA ASP B 208 11.40 -11.72 3.40
C ASP B 208 11.50 -10.79 4.61
N GLY B 209 11.03 -11.19 5.79
CA GLY B 209 11.23 -10.34 6.94
C GLY B 209 10.41 -9.07 7.01
N ARG B 210 9.58 -8.79 6.01
CA ARG B 210 8.75 -7.59 6.11
C ARG B 210 7.64 -7.74 7.12
N HIS B 211 7.17 -8.96 7.36
CA HIS B 211 6.12 -9.17 8.33
C HIS B 211 6.18 -10.59 8.82
N TYR B 212 5.55 -10.83 9.96
CA TYR B 212 5.63 -12.10 10.65
C TYR B 212 4.25 -12.49 11.13
N CYS B 213 4.12 -13.72 11.61
CA CYS B 213 2.87 -14.23 12.16
C CYS B 213 3.10 -14.65 13.59
N TYR B 214 2.22 -14.25 14.50
CA TYR B 214 2.39 -14.51 15.92
C TYR B 214 1.22 -15.34 16.41
N PRO B 215 1.36 -16.65 16.53
CA PRO B 215 0.23 -17.47 16.95
C PRO B 215 -0.07 -17.36 18.44
N HIS B 216 -1.34 -17.49 18.79
CA HIS B 216 -1.78 -17.47 20.16
C HIS B 216 -3.00 -18.38 20.27
N PHE B 217 -3.06 -19.18 21.31
CA PHE B 217 -4.22 -20.02 21.59
C PHE B 217 -5.20 -19.26 22.47
N THR B 218 -6.42 -19.06 21.99
CA THR B 218 -7.37 -18.23 22.72
C THR B 218 -8.70 -18.96 22.84
N CYS B 219 -9.45 -18.62 23.89
CA CYS B 219 -10.84 -19.03 24.04
C CYS B 219 -11.70 -17.81 24.31
N ALA B 220 -13.01 -18.00 24.22
CA ALA B 220 -13.95 -16.89 24.24
C ALA B 220 -14.01 -16.21 25.60
N VAL B 221 -13.59 -16.90 26.66
CA VAL B 221 -13.68 -16.37 28.02
C VAL B 221 -12.39 -15.70 28.47
N ASP B 222 -11.33 -15.77 27.68
CA ASP B 222 -10.06 -15.19 28.05
C ASP B 222 -10.19 -13.68 28.21
N THR B 223 -9.66 -13.16 29.30
CA THR B 223 -9.77 -11.73 29.59
C THR B 223 -8.50 -10.98 29.22
N GLU B 224 -7.36 -11.65 29.21
CA GLU B 224 -6.09 -11.02 28.93
C GLU B 224 -5.87 -10.80 27.45
N ASN B 225 -6.90 -10.96 26.65
CA ASN B 225 -6.70 -10.86 25.21
C ASN B 225 -6.50 -9.47 24.76
N ALA B 226 -6.30 -8.51 25.67
CA ALA B 226 -5.83 -7.19 25.29
C ALA B 226 -4.35 -7.04 25.52
N ARG B 227 -3.84 -7.58 26.63
CA ARG B 227 -2.41 -7.56 26.85
C ARG B 227 -1.67 -8.32 25.76
N ARG B 228 -2.31 -9.35 25.18
CA ARG B 228 -1.62 -10.05 24.11
C ARG B 228 -1.54 -9.21 22.86
N ILE B 229 -2.65 -8.54 22.50
CA ILE B 229 -2.61 -7.65 21.36
C ILE B 229 -1.68 -6.49 21.59
N PHE B 230 -1.60 -6.00 22.83
CA PHE B 230 -0.65 -4.93 23.12
C PHE B 230 0.77 -5.42 22.93
N ASN B 231 1.12 -6.51 23.59
CA ASN B 231 2.45 -7.08 23.44
C ASN B 231 2.80 -7.25 21.98
N ASP B 232 1.88 -7.78 21.18
CA ASP B 232 2.26 -8.13 19.83
C ASP B 232 2.27 -6.92 18.91
N CYS B 233 1.42 -5.92 19.13
CA CYS B 233 1.60 -4.69 18.37
C CYS B 233 2.94 -4.05 18.69
N ARG B 234 3.34 -4.09 19.97
CA ARG B 234 4.66 -3.59 20.34
C ARG B 234 5.77 -4.38 19.67
N ASP B 235 5.64 -5.70 19.63
CA ASP B 235 6.64 -6.49 18.94
C ASP B 235 6.71 -6.17 17.47
N ILE B 236 5.55 -5.91 16.85
CA ILE B 236 5.54 -5.57 15.43
C ILE B 236 6.25 -4.26 15.20
N ILE B 237 6.02 -3.27 16.05
CA ILE B 237 6.69 -2.00 15.84
C ILE B 237 8.18 -2.12 16.11
N GLN B 238 8.56 -2.86 17.15
CA GLN B 238 9.96 -3.09 17.40
C GLN B 238 10.64 -3.69 16.18
N ARG B 239 10.05 -4.73 15.60
CA ARG B 239 10.71 -5.38 14.46
C ARG B 239 10.69 -4.51 13.22
N MET B 240 9.67 -3.67 13.06
CA MET B 240 9.72 -2.74 11.93
C MET B 240 10.85 -1.75 12.12
N HIS B 241 11.04 -1.26 13.34
CA HIS B 241 12.11 -0.31 13.56
C HIS B 241 13.47 -0.97 13.44
N LEU B 242 13.59 -2.23 13.83
CA LEU B 242 14.84 -2.93 13.64
C LEU B 242 15.13 -3.11 12.15
N ARG B 243 14.24 -3.77 11.44
CA ARG B 243 14.47 -3.98 10.02
C ARG B 243 14.63 -2.67 9.27
N GLN B 244 14.23 -1.54 9.84
CA GLN B 244 14.51 -0.29 9.13
C GLN B 244 15.98 0.08 9.19
N TYR B 245 16.61 -0.09 10.35
CA TYR B 245 18.04 0.21 10.50
C TYR B 245 18.91 -0.97 10.15
N GLU B 246 18.39 -1.94 9.43
CA GLU B 246 19.14 -3.08 8.93
C GLU B 246 19.76 -3.92 10.04
N LEU B 247 19.43 -3.66 11.30
CA LEU B 247 19.93 -4.50 12.37
C LEU B 247 19.38 -5.91 12.20
N LEU B 248 18.08 -6.10 12.36
CA LEU B 248 17.53 -7.43 12.24
C LEU B 248 17.46 -7.79 10.79
N SER C 18 -33.84 -32.28 -23.63
CA SER C 18 -33.42 -31.88 -22.30
C SER C 18 -34.61 -31.85 -21.34
N GLY C 19 -35.56 -30.96 -21.60
CA GLY C 19 -36.77 -30.84 -20.83
C GLY C 19 -36.62 -29.98 -19.59
N SER C 20 -35.47 -30.03 -18.93
CA SER C 20 -35.25 -29.24 -17.72
C SER C 20 -35.05 -27.78 -18.10
N GLU C 21 -35.99 -26.91 -17.67
CA GLU C 21 -36.05 -25.54 -18.15
C GLU C 21 -34.74 -24.79 -17.90
N LEU C 22 -33.94 -25.22 -16.93
CA LEU C 22 -32.63 -24.61 -16.75
C LEU C 22 -31.68 -24.94 -17.89
N ASP C 23 -31.70 -26.19 -18.39
CA ASP C 23 -30.82 -26.48 -19.51
C ASP C 23 -31.31 -25.84 -20.80
N GLN C 24 -32.63 -25.60 -20.91
CA GLN C 24 -33.11 -24.95 -22.11
C GLN C 24 -32.82 -23.45 -22.07
N LEU C 25 -32.78 -22.89 -20.86
CA LEU C 25 -32.41 -21.49 -20.73
C LEU C 25 -30.92 -21.31 -20.89
N ARG C 26 -30.11 -22.26 -20.42
CA ARG C 26 -28.67 -22.20 -20.65
C ARG C 26 -28.35 -22.30 -22.14
N GLN C 27 -29.04 -23.17 -22.87
CA GLN C 27 -28.80 -23.27 -24.30
C GLN C 27 -29.23 -22.01 -25.04
N GLU C 28 -30.45 -21.51 -24.78
CA GLU C 28 -30.84 -20.30 -25.49
C GLU C 28 -30.01 -19.10 -25.05
N ALA C 29 -29.47 -19.11 -23.82
CA ALA C 29 -28.56 -18.09 -23.35
C ALA C 29 -27.29 -18.08 -24.20
N GLU C 30 -26.67 -19.25 -24.38
CA GLU C 30 -25.45 -19.29 -25.18
C GLU C 30 -25.76 -18.93 -26.64
N GLN C 31 -26.91 -19.35 -27.14
CA GLN C 31 -27.32 -18.97 -28.49
C GLN C 31 -27.43 -17.45 -28.63
N LEU C 32 -28.01 -16.80 -27.62
CA LEU C 32 -28.10 -15.34 -27.65
C LEU C 32 -26.73 -14.71 -27.55
N LYS C 33 -25.83 -15.29 -26.76
CA LYS C 33 -24.50 -14.70 -26.61
C LYS C 33 -23.73 -14.81 -27.92
N ASN C 34 -24.03 -15.84 -28.72
CA ASN C 34 -23.33 -15.97 -29.98
C ASN C 34 -23.98 -15.13 -31.07
N GLN C 35 -25.30 -14.93 -30.99
CA GLN C 35 -25.92 -13.94 -31.88
C GLN C 35 -25.38 -12.55 -31.58
N ILE C 36 -25.10 -12.25 -30.31
CA ILE C 36 -24.53 -10.95 -29.96
C ILE C 36 -23.10 -10.85 -30.45
N ARG C 37 -22.32 -11.93 -30.35
CA ARG C 37 -20.95 -11.85 -30.83
C ARG C 37 -20.91 -11.69 -32.34
N ASP C 38 -21.87 -12.29 -33.06
CA ASP C 38 -21.89 -12.14 -34.50
C ASP C 38 -22.36 -10.74 -34.89
N ALA C 39 -23.40 -10.23 -34.24
CA ALA C 39 -23.85 -8.88 -34.54
C ALA C 39 -22.81 -7.83 -34.14
N ARG C 40 -21.88 -8.19 -33.26
CA ARG C 40 -20.82 -7.27 -32.87
C ARG C 40 -19.64 -7.32 -33.83
N LYS C 41 -19.26 -8.53 -34.28
CA LYS C 41 -18.21 -8.65 -35.26
C LYS C 41 -18.67 -8.23 -36.65
N ALA C 42 -19.98 -8.18 -36.88
CA ALA C 42 -20.50 -7.75 -38.17
C ALA C 42 -20.19 -6.30 -38.44
N CYS C 43 -20.33 -5.44 -37.43
CA CYS C 43 -20.02 -4.02 -37.58
C CYS C 43 -18.57 -3.71 -37.28
N ALA C 44 -17.76 -4.72 -36.97
CA ALA C 44 -16.33 -4.54 -36.70
C ALA C 44 -15.56 -4.68 -38.01
N ASP C 45 -15.80 -3.72 -38.92
N ASP C 45 -15.81 -3.73 -38.91
CA ASP C 45 -15.17 -3.78 -40.23
CA ASP C 45 -15.18 -3.77 -40.23
C ASP C 45 -13.67 -3.50 -40.13
C ASP C 45 -13.68 -3.50 -40.12
N ALA C 46 -13.31 -2.30 -39.67
CA ALA C 46 -11.93 -1.88 -39.56
C ALA C 46 -11.51 -1.89 -38.09
N THR C 47 -10.25 -1.54 -37.88
CA THR C 47 -9.69 -1.41 -36.55
C THR C 47 -9.27 0.03 -36.35
N LEU C 48 -9.20 0.46 -35.10
CA LEU C 48 -8.78 1.83 -34.83
C LEU C 48 -7.36 2.08 -35.30
N SER C 49 -6.49 1.08 -35.23
CA SER C 49 -5.11 1.29 -35.64
C SER C 49 -4.98 1.52 -37.14
N GLN C 50 -5.74 0.78 -37.96
CA GLN C 50 -5.67 1.03 -39.40
C GLN C 50 -6.20 2.41 -39.73
N ILE C 51 -7.25 2.84 -39.05
CA ILE C 51 -7.83 4.16 -39.32
C ILE C 51 -6.89 5.27 -38.87
N THR C 52 -6.28 5.12 -37.69
CA THR C 52 -5.45 6.14 -37.07
C THR C 52 -3.96 5.93 -37.31
N ASN C 53 -3.59 5.14 -38.30
CA ASN C 53 -2.19 4.90 -38.61
C ASN C 53 -1.51 6.10 -39.26
N ASN C 54 -2.26 6.97 -39.92
CA ASN C 54 -1.67 8.13 -40.58
C ASN C 54 -1.57 9.39 -39.71
N ILE C 55 -2.02 9.36 -38.46
CA ILE C 55 -1.88 10.56 -37.64
C ILE C 55 -0.45 10.65 -37.11
N ASP C 56 -0.05 11.86 -36.73
CA ASP C 56 1.28 11.93 -36.14
C ASP C 56 1.21 11.68 -34.64
N PRO C 57 2.20 10.97 -34.09
CA PRO C 57 2.21 10.71 -32.64
C PRO C 57 2.40 11.99 -31.83
N VAL C 58 1.85 11.96 -30.62
CA VAL C 58 1.92 13.14 -29.75
C VAL C 58 3.35 13.43 -29.33
N GLY C 59 4.26 12.49 -29.52
CA GLY C 59 5.63 12.67 -29.08
C GLY C 59 5.92 12.36 -27.63
N ARG C 60 6.37 13.36 -26.89
CA ARG C 60 6.64 13.23 -25.48
C ARG C 60 5.93 14.35 -24.72
N ILE C 61 5.17 13.96 -23.71
CA ILE C 61 4.44 14.89 -22.85
C ILE C 61 5.07 14.81 -21.48
N GLN C 62 5.76 15.87 -21.09
CA GLN C 62 6.45 15.91 -19.80
C GLN C 62 5.85 17.03 -18.96
N MET C 63 4.81 16.69 -18.22
CA MET C 63 4.25 17.61 -17.24
C MET C 63 5.04 17.52 -15.95
N ARG C 64 4.98 18.57 -15.17
CA ARG C 64 5.76 18.68 -13.97
C ARG C 64 4.87 19.08 -12.81
N THR C 65 5.30 18.73 -11.61
CA THR C 65 4.51 19.03 -10.44
C THR C 65 4.49 20.53 -10.24
N ARG C 66 3.32 21.14 -10.34
CA ARG C 66 3.23 22.57 -10.16
C ARG C 66 2.79 22.92 -8.75
N ARG C 67 2.11 22.02 -8.10
CA ARG C 67 1.63 22.18 -6.74
C ARG C 67 1.81 20.85 -6.05
N THR C 68 1.88 20.90 -4.74
CA THR C 68 1.87 19.67 -3.95
C THR C 68 0.96 20.01 -2.79
N LEU C 69 -0.06 19.21 -2.60
CA LEU C 69 -1.07 19.52 -1.63
C LEU C 69 -0.94 18.56 -0.47
N ARG C 70 -0.48 19.07 0.66
CA ARG C 70 -0.16 18.23 1.80
C ARG C 70 -1.13 18.53 2.91
N GLY C 71 -1.24 17.59 3.84
CA GLY C 71 -2.05 17.83 5.01
C GLY C 71 -2.67 16.53 5.43
N HIS C 72 -2.82 15.61 4.49
CA HIS C 72 -3.57 14.42 4.78
C HIS C 72 -2.71 13.50 5.62
N LEU C 73 -3.32 12.85 6.58
CA LEU C 73 -2.57 12.03 7.51
C LEU C 73 -2.52 10.57 7.11
N ALA C 74 -3.22 10.20 6.05
CA ALA C 74 -3.28 8.82 5.63
C ALA C 74 -3.41 8.78 4.13
N LYS C 75 -3.66 7.60 3.60
CA LYS C 75 -3.69 7.41 2.18
C LYS C 75 -4.91 8.05 1.56
N ILE C 76 -4.70 8.78 0.47
CA ILE C 76 -5.81 9.44 -0.19
C ILE C 76 -6.49 8.37 -1.03
N TYR C 77 -7.81 8.41 -1.12
CA TYR C 77 -8.48 7.35 -1.82
C TYR C 77 -9.40 7.85 -2.89
N ALA C 78 -9.73 9.12 -2.90
CA ALA C 78 -10.63 9.67 -3.89
C ALA C 78 -10.37 11.16 -3.96
N MET C 79 -10.62 11.75 -5.12
CA MET C 79 -10.49 13.18 -5.23
C MET C 79 -11.43 13.61 -6.33
N HIS C 80 -11.81 14.87 -6.31
CA HIS C 80 -12.72 15.34 -7.34
C HIS C 80 -12.58 16.84 -7.54
N TRP C 81 -12.32 17.26 -8.76
CA TRP C 81 -12.28 18.68 -9.05
C TRP C 81 -13.66 19.28 -8.86
N GLY C 82 -13.68 20.56 -8.64
CA GLY C 82 -14.94 21.27 -8.62
C GLY C 82 -15.29 21.71 -10.02
N THR C 83 -16.48 22.27 -10.17
CA THR C 83 -16.87 22.71 -11.50
C THR C 83 -16.08 23.94 -11.94
N ASP C 84 -15.68 24.78 -10.98
CA ASP C 84 -14.90 25.96 -11.33
C ASP C 84 -13.48 25.61 -11.75
N SER C 85 -13.09 24.34 -11.69
CA SER C 85 -11.74 23.91 -11.99
C SER C 85 -10.70 24.53 -11.08
N ARG C 86 -11.12 25.05 -9.93
CA ARG C 86 -10.23 25.64 -8.96
C ARG C 86 -10.23 24.89 -7.64
N LEU C 87 -11.40 24.64 -7.08
CA LEU C 87 -11.51 23.89 -5.83
C LEU C 87 -11.59 22.39 -6.09
N LEU C 88 -11.19 21.63 -5.09
CA LEU C 88 -11.29 20.19 -5.18
C LEU C 88 -11.42 19.62 -3.79
N VAL C 89 -12.07 18.46 -3.68
CA VAL C 89 -12.28 17.81 -2.40
C VAL C 89 -11.44 16.56 -2.42
N SER C 90 -10.87 16.21 -1.31
CA SER C 90 -10.07 15.01 -1.25
C SER C 90 -10.47 14.24 -0.02
N ALA C 91 -10.53 12.93 -0.16
CA ALA C 91 -10.96 12.05 0.91
C ALA C 91 -9.78 11.18 1.28
N SER C 92 -9.40 11.19 2.55
CA SER C 92 -8.34 10.31 2.97
C SER C 92 -8.88 9.35 4.01
N GLN C 93 -8.19 8.23 4.19
CA GLN C 93 -8.69 7.21 5.09
C GLN C 93 -8.28 7.47 6.52
N ASP C 94 -7.90 8.69 6.85
CA ASP C 94 -7.79 9.10 8.24
C ASP C 94 -9.10 9.65 8.74
N GLY C 95 -10.16 9.53 7.95
CA GLY C 95 -11.44 10.05 8.34
C GLY C 95 -11.64 11.51 8.03
N LYS C 96 -10.93 12.05 7.04
CA LYS C 96 -11.05 13.47 6.75
C LYS C 96 -11.39 13.68 5.30
N LEU C 97 -11.98 14.84 5.05
CA LEU C 97 -12.39 15.25 3.72
C LEU C 97 -12.05 16.73 3.60
N ILE C 98 -10.95 17.02 2.97
CA ILE C 98 -10.37 18.36 2.95
C ILE C 98 -10.71 19.03 1.62
N ILE C 99 -11.10 20.30 1.65
CA ILE C 99 -11.36 21.03 0.42
C ILE C 99 -10.23 22.02 0.17
N TRP C 100 -9.68 22.00 -1.03
CA TRP C 100 -8.51 22.76 -1.39
C TRP C 100 -8.89 23.78 -2.44
N ASP C 101 -8.22 24.92 -2.35
CA ASP C 101 -8.18 25.93 -3.39
C ASP C 101 -6.89 25.69 -4.15
N SER C 102 -6.98 24.95 -5.24
CA SER C 102 -5.80 24.43 -5.91
C SER C 102 -4.88 25.52 -6.42
N TYR C 103 -5.37 26.73 -6.64
CA TYR C 103 -4.49 27.79 -7.11
C TYR C 103 -3.52 28.21 -6.02
N THR C 104 -4.03 28.40 -4.81
CA THR C 104 -3.21 28.90 -3.71
C THR C 104 -2.88 27.87 -2.66
N THR C 105 -3.22 26.60 -2.88
CA THR C 105 -2.94 25.52 -1.94
C THR C 105 -3.52 25.77 -0.56
N ASN C 106 -4.44 26.70 -0.42
CA ASN C 106 -5.07 26.93 0.86
C ASN C 106 -6.18 25.92 1.09
N LYS C 107 -6.43 25.61 2.36
CA LYS C 107 -7.51 24.72 2.70
C LYS C 107 -8.73 25.56 3.01
N VAL C 108 -9.85 25.25 2.39
CA VAL C 108 -11.04 26.04 2.65
C VAL C 108 -11.86 25.40 3.77
N HIS C 109 -11.89 24.07 3.82
CA HIS C 109 -12.61 23.38 4.86
C HIS C 109 -11.86 22.09 5.16
N ALA C 110 -12.05 21.58 6.36
CA ALA C 110 -11.47 20.29 6.73
C ALA C 110 -12.57 19.57 7.49
N ILE C 111 -13.32 18.71 6.80
CA ILE C 111 -14.52 18.11 7.35
C ILE C 111 -14.14 16.76 7.96
N PRO C 112 -14.28 16.59 9.26
CA PRO C 112 -14.10 15.28 9.87
C PRO C 112 -15.29 14.40 9.57
N LEU C 113 -15.02 13.10 9.38
CA LEU C 113 -16.02 12.12 9.03
C LEU C 113 -16.29 11.20 10.20
N ARG C 114 -17.47 10.56 10.15
CA ARG C 114 -17.83 9.61 11.19
CA ARG C 114 -17.83 9.61 11.19
C ARG C 114 -17.08 8.29 11.00
N SER C 115 -17.36 7.59 9.92
CA SER C 115 -16.61 6.38 9.58
C SER C 115 -15.32 6.83 8.92
N SER C 116 -14.21 6.31 9.40
CA SER C 116 -12.95 6.81 8.87
C SER C 116 -12.57 6.16 7.55
N TRP C 117 -13.29 5.13 7.12
CA TRP C 117 -12.95 4.38 5.92
C TRP C 117 -13.64 4.92 4.68
N VAL C 118 -13.47 6.20 4.39
CA VAL C 118 -14.11 6.74 3.21
C VAL C 118 -13.37 6.19 1.99
N MET C 119 -14.11 5.97 0.91
CA MET C 119 -13.58 5.38 -0.31
C MET C 119 -13.91 6.20 -1.53
N THR C 120 -14.84 7.12 -1.45
CA THR C 120 -15.18 7.97 -2.57
C THR C 120 -15.59 9.33 -2.05
N CYS C 121 -15.56 10.32 -2.92
CA CYS C 121 -16.00 11.65 -2.52
C CYS C 121 -16.34 12.37 -3.80
N ALA C 122 -17.39 13.17 -3.75
CA ALA C 122 -17.84 13.91 -4.92
C ALA C 122 -18.01 15.38 -4.58
N TYR C 123 -18.09 16.18 -5.64
CA TYR C 123 -18.27 17.61 -5.49
C TYR C 123 -19.44 18.02 -6.36
N ALA C 124 -20.51 18.48 -5.73
CA ALA C 124 -21.71 18.79 -6.47
C ALA C 124 -21.41 19.85 -7.52
N PRO C 125 -22.02 19.77 -8.71
CA PRO C 125 -21.69 20.76 -9.75
C PRO C 125 -22.05 22.17 -9.36
N SER C 126 -22.94 22.36 -8.39
CA SER C 126 -23.27 23.68 -7.87
C SER C 126 -22.31 24.15 -6.80
N GLY C 127 -21.38 23.30 -6.38
CA GLY C 127 -20.48 23.69 -5.30
C GLY C 127 -21.12 23.81 -3.94
N ASN C 128 -22.39 23.45 -3.80
CA ASN C 128 -23.08 23.60 -2.54
C ASN C 128 -22.88 22.42 -1.59
N TYR C 129 -22.60 21.23 -2.11
CA TYR C 129 -22.58 20.03 -1.29
C TYR C 129 -21.37 19.17 -1.64
N VAL C 130 -20.89 18.43 -0.65
CA VAL C 130 -19.92 17.37 -0.87
C VAL C 130 -20.54 16.08 -0.39
N ALA C 131 -20.11 14.96 -0.96
CA ALA C 131 -20.61 13.66 -0.55
C ALA C 131 -19.46 12.72 -0.29
N CYS C 132 -19.73 11.66 0.45
CA CYS C 132 -18.68 10.68 0.67
C CYS C 132 -19.27 9.44 1.29
N GLY C 133 -18.59 8.32 1.13
CA GLY C 133 -19.07 7.09 1.72
C GLY C 133 -17.97 6.07 1.66
N GLY C 134 -18.22 4.93 2.29
CA GLY C 134 -17.20 3.91 2.35
C GLY C 134 -17.74 2.64 2.94
N LEU C 135 -16.97 2.02 3.84
CA LEU C 135 -17.40 0.75 4.39
C LEU C 135 -18.61 0.86 5.30
N ASP C 136 -19.05 2.07 5.65
CA ASP C 136 -20.27 2.22 6.42
C ASP C 136 -21.53 2.01 5.62
N ASN C 137 -21.42 1.82 4.31
CA ASN C 137 -22.55 1.60 3.41
C ASN C 137 -23.51 2.78 3.39
N ILE C 138 -23.04 3.99 3.64
CA ILE C 138 -23.90 5.16 3.76
C ILE C 138 -23.27 6.25 2.93
N CYS C 139 -24.08 6.97 2.17
CA CYS C 139 -23.59 8.15 1.46
C CYS C 139 -23.99 9.40 2.23
N SER C 140 -23.00 10.17 2.68
CA SER C 140 -23.24 11.31 3.53
C SER C 140 -23.07 12.57 2.71
N ILE C 141 -24.05 13.47 2.78
CA ILE C 141 -23.99 14.76 2.14
C ILE C 141 -23.74 15.81 3.21
N TYR C 142 -22.80 16.72 2.91
CA TYR C 142 -22.41 17.83 3.78
C TYR C 142 -22.60 19.15 3.04
N ASN C 143 -23.26 20.09 3.71
CA ASN C 143 -23.57 21.41 3.17
C ASN C 143 -22.42 22.36 3.47
N LEU C 144 -21.69 22.77 2.43
CA LEU C 144 -20.60 23.72 2.63
C LEU C 144 -21.10 25.12 2.89
N LYS C 145 -22.30 25.45 2.41
CA LYS C 145 -22.86 26.78 2.62
C LYS C 145 -23.74 26.89 3.85
N THR C 146 -23.48 26.13 4.91
CA THR C 146 -24.25 26.34 6.12
C THR C 146 -24.04 27.77 6.60
N ARG C 147 -24.98 28.29 7.37
CA ARG C 147 -24.94 29.71 7.68
C ARG C 147 -24.45 30.02 9.09
N GLU C 148 -25.25 29.65 10.09
CA GLU C 148 -24.90 29.83 11.50
C GLU C 148 -24.24 28.61 12.11
N GLY C 149 -22.90 28.61 12.22
CA GLY C 149 -22.21 27.41 12.65
C GLY C 149 -21.18 26.90 11.66
N ASN C 150 -21.00 25.58 11.70
CA ASN C 150 -19.94 24.79 11.09
C ASN C 150 -20.52 23.88 10.03
N VAL C 151 -19.77 23.66 8.95
CA VAL C 151 -20.22 22.66 7.98
C VAL C 151 -20.33 21.34 8.72
N ARG C 152 -21.48 20.70 8.55
CA ARG C 152 -21.84 19.45 9.20
C ARG C 152 -22.63 18.61 8.23
N VAL C 153 -23.12 17.46 8.74
CA VAL C 153 -23.85 16.55 7.89
C VAL C 153 -25.21 17.14 7.64
N SER C 154 -25.68 17.00 6.41
CA SER C 154 -27.00 17.44 6.02
C SER C 154 -27.91 16.27 5.68
N ARG C 155 -27.48 15.41 4.78
CA ARG C 155 -28.28 14.23 4.50
C ARG C 155 -27.41 13.00 4.65
N GLU C 156 -28.06 11.83 4.61
CA GLU C 156 -27.35 10.57 4.81
C GLU C 156 -28.24 9.49 4.23
N LEU C 157 -27.73 8.88 3.18
CA LEU C 157 -28.45 7.97 2.33
C LEU C 157 -28.09 6.56 2.77
N ALA C 158 -29.08 5.81 3.20
CA ALA C 158 -28.88 4.48 3.73
C ALA C 158 -29.60 3.49 2.84
N GLY C 159 -29.12 2.25 2.83
CA GLY C 159 -29.85 1.23 2.10
C GLY C 159 -28.97 0.14 1.52
N HIS C 160 -27.68 0.40 1.36
CA HIS C 160 -26.81 -0.58 0.71
C HIS C 160 -26.41 -1.63 1.73
N THR C 161 -26.34 -2.88 1.29
CA THR C 161 -25.81 -3.96 2.13
C THR C 161 -24.34 -4.23 1.86
N GLY C 162 -23.67 -3.37 1.11
CA GLY C 162 -22.27 -3.53 0.79
C GLY C 162 -21.57 -2.20 0.87
N TYR C 163 -20.26 -2.21 0.65
CA TYR C 163 -19.50 -0.99 0.83
C TYR C 163 -19.70 -0.09 -0.37
N LEU C 164 -19.85 1.20 -0.09
CA LEU C 164 -20.11 2.16 -1.15
C LEU C 164 -18.77 2.54 -1.77
N SER C 165 -18.63 2.36 -3.07
CA SER C 165 -17.34 2.58 -3.71
C SER C 165 -17.24 3.87 -4.50
N CYS C 166 -18.33 4.41 -5.01
CA CYS C 166 -18.23 5.63 -5.79
C CYS C 166 -19.58 6.31 -5.84
N CYS C 167 -19.56 7.63 -6.00
CA CYS C 167 -20.78 8.39 -6.06
C CYS C 167 -20.50 9.71 -6.73
N ARG C 168 -21.48 10.20 -7.49
CA ARG C 168 -21.33 11.45 -8.22
C ARG C 168 -22.69 12.11 -8.30
N PHE C 169 -22.72 13.42 -8.07
CA PHE C 169 -23.96 14.17 -8.15
C PHE C 169 -24.41 14.37 -9.60
N LEU C 170 -25.73 14.40 -9.78
CA LEU C 170 -26.32 14.95 -11.00
C LEU C 170 -26.69 16.41 -10.80
N ASP C 171 -27.47 16.70 -9.76
CA ASP C 171 -27.76 18.05 -9.34
C ASP C 171 -27.79 18.06 -7.82
N ASP C 172 -28.32 19.13 -7.24
CA ASP C 172 -28.32 19.28 -5.80
C ASP C 172 -29.30 18.34 -5.10
N ASN C 173 -30.04 17.53 -5.83
CA ASN C 173 -31.02 16.63 -5.21
CA ASN C 173 -31.02 16.63 -5.21
C ASN C 173 -30.90 15.19 -5.65
N GLN C 174 -30.28 14.90 -6.79
CA GLN C 174 -30.13 13.54 -7.27
C GLN C 174 -28.66 13.16 -7.21
N ILE C 175 -28.37 11.97 -6.70
CA ILE C 175 -27.01 11.49 -6.61
C ILE C 175 -27.01 9.99 -6.87
N VAL C 176 -26.03 9.51 -7.63
CA VAL C 176 -25.93 8.10 -7.93
C VAL C 176 -24.78 7.49 -7.17
N THR C 177 -24.99 6.29 -6.66
CA THR C 177 -24.02 5.59 -5.85
C THR C 177 -23.79 4.21 -6.45
N SER C 178 -22.62 3.66 -6.17
CA SER C 178 -22.25 2.31 -6.55
C SER C 178 -21.83 1.57 -5.30
N SER C 179 -22.20 0.30 -5.18
CA SER C 179 -21.95 -0.35 -3.90
C SER C 179 -21.46 -1.76 -4.14
N GLY C 180 -20.92 -2.35 -3.09
CA GLY C 180 -20.44 -3.71 -3.18
C GLY C 180 -21.50 -4.75 -3.12
N ASP C 181 -22.75 -4.36 -2.95
CA ASP C 181 -23.85 -5.29 -3.06
C ASP C 181 -24.23 -5.53 -4.50
N THR C 182 -23.34 -5.18 -5.41
CA THR C 182 -23.48 -5.37 -6.85
C THR C 182 -24.56 -4.51 -7.48
N THR C 183 -24.94 -3.39 -6.86
CA THR C 183 -25.98 -2.54 -7.41
C THR C 183 -25.54 -1.08 -7.41
N CYS C 184 -26.17 -0.33 -8.31
CA CYS C 184 -26.05 1.12 -8.32
C CYS C 184 -27.43 1.69 -8.03
N ALA C 185 -27.46 2.93 -7.55
CA ALA C 185 -28.74 3.48 -7.16
C ALA C 185 -28.75 4.98 -7.40
N LEU C 186 -29.88 5.48 -7.89
CA LEU C 186 -30.09 6.91 -7.98
C LEU C 186 -30.99 7.34 -6.84
N TRP C 187 -30.54 8.35 -6.10
CA TRP C 187 -31.13 8.84 -4.87
C TRP C 187 -31.66 10.23 -5.06
N ASP C 188 -32.73 10.54 -4.34
CA ASP C 188 -33.21 11.91 -4.15
C ASP C 188 -32.78 12.35 -2.76
N ILE C 189 -31.75 13.20 -2.72
CA ILE C 189 -31.04 13.51 -1.48
C ILE C 189 -31.98 14.02 -0.41
N GLU C 190 -32.99 14.80 -0.80
CA GLU C 190 -33.89 15.38 0.19
C GLU C 190 -34.72 14.29 0.85
N THR C 191 -35.50 13.56 0.07
CA THR C 191 -36.33 12.52 0.67
C THR C 191 -35.50 11.36 1.21
N GLY C 192 -34.27 11.19 0.73
CA GLY C 192 -33.41 10.09 1.13
C GLY C 192 -33.82 8.73 0.61
N GLN C 193 -34.73 8.68 -0.35
CA GLN C 193 -35.24 7.45 -0.93
C GLN C 193 -34.50 7.09 -2.21
N GLN C 194 -34.28 5.80 -2.43
CA GLN C 194 -33.67 5.37 -3.69
C GLN C 194 -34.73 5.47 -4.77
N THR C 195 -34.70 6.56 -5.52
CA THR C 195 -35.71 6.75 -6.55
C THR C 195 -35.54 5.76 -7.68
N THR C 196 -34.35 5.17 -7.83
CA THR C 196 -34.18 4.21 -8.90
C THR C 196 -33.07 3.24 -8.55
N THR C 197 -33.27 1.97 -8.86
CA THR C 197 -32.27 0.96 -8.56
C THR C 197 -31.82 0.30 -9.85
N PHE C 198 -30.52 0.06 -9.95
CA PHE C 198 -29.89 -0.56 -11.10
C PHE C 198 -29.22 -1.83 -10.61
N THR C 199 -29.77 -2.97 -11.04
CA THR C 199 -29.25 -4.28 -10.68
C THR C 199 -28.92 -5.09 -11.93
N GLY C 200 -28.01 -6.04 -11.76
CA GLY C 200 -27.59 -6.90 -12.84
C GLY C 200 -26.13 -7.30 -12.79
N HIS C 201 -25.32 -6.56 -12.04
CA HIS C 201 -23.93 -6.91 -11.90
C HIS C 201 -23.81 -8.10 -10.94
N THR C 202 -22.86 -8.98 -11.23
CA THR C 202 -22.64 -10.15 -10.38
C THR C 202 -21.63 -9.86 -9.28
N GLY C 203 -20.57 -9.12 -9.62
CA GLY C 203 -19.54 -8.75 -8.67
C GLY C 203 -19.66 -7.31 -8.19
N ASP C 204 -18.70 -6.93 -7.35
CA ASP C 204 -18.71 -5.61 -6.74
C ASP C 204 -18.56 -4.53 -7.79
N VAL C 205 -19.48 -3.57 -7.78
CA VAL C 205 -19.35 -2.41 -8.66
C VAL C 205 -18.28 -1.51 -8.04
N MET C 206 -17.25 -1.19 -8.81
CA MET C 206 -16.14 -0.45 -8.23
C MET C 206 -16.12 1.01 -8.64
N SER C 207 -16.60 1.36 -9.82
CA SER C 207 -16.50 2.75 -10.24
C SER C 207 -17.63 3.08 -11.20
N LEU C 208 -18.09 4.31 -11.17
CA LEU C 208 -19.09 4.79 -12.11
C LEU C 208 -18.68 6.14 -12.63
N SER C 209 -19.16 6.47 -13.82
CA SER C 209 -18.85 7.75 -14.45
C SER C 209 -20.07 8.24 -15.20
N LEU C 210 -20.55 9.43 -14.87
CA LEU C 210 -21.72 9.98 -15.53
C LEU C 210 -21.33 10.61 -16.85
N ALA C 211 -22.19 10.40 -17.85
CA ALA C 211 -22.01 11.01 -19.15
C ALA C 211 -22.06 12.53 -19.03
N PRO C 212 -21.45 13.24 -19.97
CA PRO C 212 -21.43 14.71 -19.89
C PRO C 212 -22.82 15.31 -19.86
N ASP C 213 -23.85 14.55 -20.20
CA ASP C 213 -25.22 15.06 -20.24
C ASP C 213 -26.09 14.47 -19.14
N THR C 214 -25.50 13.79 -18.15
CA THR C 214 -26.21 13.31 -16.98
C THR C 214 -27.21 12.22 -17.33
N ARG C 215 -27.37 11.95 -18.62
CA ARG C 215 -28.49 11.10 -19.04
C ARG C 215 -28.23 9.63 -18.76
N LEU C 216 -26.99 9.19 -18.91
CA LEU C 216 -26.63 7.80 -18.70
C LEU C 216 -25.38 7.72 -17.84
N PHE C 217 -25.06 6.52 -17.37
CA PHE C 217 -23.81 6.34 -16.66
C PHE C 217 -23.41 4.88 -16.74
N VAL C 218 -22.11 4.65 -16.70
CA VAL C 218 -21.57 3.30 -16.79
C VAL C 218 -20.95 2.90 -15.46
N SER C 219 -20.77 1.60 -15.28
CA SER C 219 -20.23 1.05 -14.06
C SER C 219 -19.37 -0.15 -14.42
N GLY C 220 -18.23 -0.28 -13.77
CA GLY C 220 -17.33 -1.41 -13.96
C GLY C 220 -17.28 -2.28 -12.73
N ALA C 221 -17.49 -3.57 -12.91
CA ALA C 221 -17.57 -4.42 -11.74
C ALA C 221 -16.47 -5.47 -11.76
N CYS C 222 -16.40 -6.23 -10.67
CA CYS C 222 -15.39 -7.26 -10.50
C CYS C 222 -15.71 -8.52 -11.26
N ASP C 223 -16.82 -8.57 -11.98
CA ASP C 223 -17.10 -9.66 -12.88
C ASP C 223 -16.51 -9.42 -14.26
N ALA C 224 -15.51 -8.56 -14.35
CA ALA C 224 -14.80 -8.28 -15.59
C ALA C 224 -15.76 -7.73 -16.65
N SER C 225 -16.80 -7.03 -16.22
CA SER C 225 -17.78 -6.50 -17.15
C SER C 225 -18.10 -5.05 -16.79
N ALA C 226 -18.41 -4.26 -17.82
CA ALA C 226 -18.91 -2.92 -17.65
C ALA C 226 -20.34 -2.83 -18.16
N LYS C 227 -21.15 -2.01 -17.53
CA LYS C 227 -22.54 -1.90 -17.94
C LYS C 227 -22.93 -0.45 -18.08
N LEU C 228 -23.63 -0.15 -19.16
CA LEU C 228 -24.21 1.15 -19.41
C LEU C 228 -25.66 1.16 -18.95
N TRP C 229 -26.00 2.13 -18.09
CA TRP C 229 -27.30 2.26 -17.46
C TRP C 229 -27.96 3.57 -17.86
N ASP C 230 -29.25 3.48 -18.15
CA ASP C 230 -30.10 4.64 -18.36
C ASP C 230 -30.61 5.16 -17.01
N VAL C 231 -30.19 6.38 -16.66
CA VAL C 231 -30.45 6.90 -15.30
C VAL C 231 -31.94 6.98 -15.02
N ARG C 232 -32.70 7.56 -15.95
CA ARG C 232 -34.11 7.86 -15.71
C ARG C 232 -35.02 6.64 -15.79
N GLU C 233 -34.62 5.56 -16.45
CA GLU C 233 -35.53 4.44 -16.61
C GLU C 233 -35.20 3.22 -15.74
N GLY C 234 -33.99 3.11 -15.23
CA GLY C 234 -33.72 2.07 -14.25
C GLY C 234 -33.47 0.73 -14.87
N MET C 235 -33.19 0.71 -16.17
CA MET C 235 -32.94 -0.47 -16.95
C MET C 235 -31.48 -0.49 -17.40
N CYS C 236 -30.93 -1.68 -17.54
CA CYS C 236 -29.57 -1.83 -18.04
C CYS C 236 -29.60 -1.81 -19.56
N ARG C 237 -28.93 -0.83 -20.16
CA ARG C 237 -29.00 -0.71 -21.60
C ARG C 237 -27.96 -1.57 -22.30
N GLN C 238 -26.71 -1.52 -21.87
CA GLN C 238 -25.68 -2.28 -22.59
C GLN C 238 -24.72 -2.96 -21.64
N THR C 239 -24.28 -4.17 -21.97
CA THR C 239 -23.25 -4.82 -21.19
C THR C 239 -22.06 -5.15 -22.07
N PHE C 240 -20.89 -4.65 -21.66
CA PHE C 240 -19.65 -4.83 -22.38
C PHE C 240 -18.72 -5.75 -21.62
N THR C 241 -18.01 -6.60 -22.36
CA THR C 241 -17.06 -7.54 -21.79
C THR C 241 -15.77 -7.44 -22.60
N GLY C 242 -14.77 -8.22 -22.21
CA GLY C 242 -13.52 -8.18 -22.94
C GLY C 242 -12.33 -8.18 -22.01
N HIS C 243 -12.50 -7.55 -20.86
CA HIS C 243 -11.48 -7.55 -19.84
C HIS C 243 -11.32 -8.92 -19.21
N GLU C 244 -10.10 -9.20 -18.80
CA GLU C 244 -9.76 -10.48 -18.19
C GLU C 244 -9.97 -10.53 -16.69
N SER C 245 -10.16 -9.40 -16.02
CA SER C 245 -10.22 -9.40 -14.56
CA SER C 245 -10.23 -9.40 -14.56
C SER C 245 -11.03 -8.20 -14.09
N ASP C 246 -10.83 -7.83 -12.82
CA ASP C 246 -11.65 -6.80 -12.18
C ASP C 246 -11.43 -5.43 -12.80
N ILE C 247 -12.52 -4.76 -13.15
CA ILE C 247 -12.46 -3.38 -13.62
C ILE C 247 -12.37 -2.44 -12.43
N ASN C 248 -11.34 -1.59 -12.40
CA ASN C 248 -11.13 -0.71 -11.26
C ASN C 248 -11.49 0.74 -11.50
N ALA C 249 -11.52 1.22 -12.74
CA ALA C 249 -11.78 2.63 -13.01
C ALA C 249 -12.52 2.76 -14.33
N ILE C 250 -13.20 3.89 -14.52
CA ILE C 250 -14.01 4.13 -15.71
C ILE C 250 -14.18 5.64 -15.87
N CYS C 251 -14.28 6.09 -17.12
CA CYS C 251 -14.57 7.49 -17.43
C CYS C 251 -15.06 7.61 -18.85
N PHE C 252 -16.20 8.26 -19.04
CA PHE C 252 -16.70 8.57 -20.37
C PHE C 252 -15.73 9.41 -21.20
N PHE C 253 -15.71 9.13 -22.48
CA PHE C 253 -15.07 10.03 -23.42
C PHE C 253 -15.84 11.35 -23.41
N PRO C 254 -15.16 12.47 -23.52
CA PRO C 254 -15.88 13.75 -23.43
C PRO C 254 -17.03 13.90 -24.39
N ASN C 255 -17.03 13.16 -25.50
CA ASN C 255 -18.13 13.28 -26.44
C ASN C 255 -19.40 12.67 -25.86
N GLY C 256 -19.26 11.58 -25.13
CA GLY C 256 -20.40 10.90 -24.54
C GLY C 256 -20.73 9.61 -25.23
N ASN C 257 -20.11 9.33 -26.37
CA ASN C 257 -20.35 8.10 -27.11
C ASN C 257 -19.18 7.12 -27.01
N ALA C 258 -18.38 7.24 -25.95
CA ALA C 258 -17.27 6.32 -25.75
C ALA C 258 -16.86 6.39 -24.28
N PHE C 259 -16.14 5.36 -23.84
CA PHE C 259 -15.67 5.37 -22.47
C PHE C 259 -14.48 4.45 -22.36
N ALA C 260 -13.67 4.69 -21.35
CA ALA C 260 -12.46 3.91 -21.15
C ALA C 260 -12.51 3.20 -19.82
N THR C 261 -11.90 2.02 -19.78
CA THR C 261 -11.88 1.23 -18.57
C THR C 261 -10.45 0.78 -18.31
N GLY C 262 -10.13 0.65 -17.03
CA GLY C 262 -8.86 0.10 -16.63
C GLY C 262 -9.09 -1.04 -15.67
N SER C 263 -8.27 -2.07 -15.77
CA SER C 263 -8.54 -3.26 -14.98
C SER C 263 -7.27 -3.78 -14.34
N ASP C 264 -7.43 -4.82 -13.54
CA ASP C 264 -6.30 -5.41 -12.84
C ASP C 264 -5.37 -6.16 -13.78
N ASP C 265 -5.84 -6.49 -14.99
CA ASP C 265 -5.04 -7.21 -15.95
C ASP C 265 -4.04 -6.33 -16.68
N ALA C 266 -3.76 -5.13 -16.15
CA ALA C 266 -2.74 -4.23 -16.69
C ALA C 266 -3.05 -3.79 -18.11
N THR C 267 -4.30 -3.45 -18.37
CA THR C 267 -4.69 -3.04 -19.72
C THR C 267 -5.75 -1.97 -19.63
N CYS C 268 -5.73 -1.06 -20.57
CA CYS C 268 -6.80 -0.08 -20.70
C CYS C 268 -7.56 -0.40 -21.97
N ARG C 269 -8.86 -0.21 -21.93
CA ARG C 269 -9.68 -0.53 -23.09
C ARG C 269 -10.64 0.59 -23.36
N LEU C 270 -10.82 0.91 -24.63
CA LEU C 270 -11.75 1.96 -25.02
C LEU C 270 -12.94 1.30 -25.68
N PHE C 271 -14.13 1.52 -25.14
CA PHE C 271 -15.32 0.96 -25.75
C PHE C 271 -16.15 2.07 -26.37
N ASP C 272 -16.83 1.73 -27.46
CA ASP C 272 -17.77 2.62 -28.11
C ASP C 272 -19.20 2.15 -27.89
N LEU C 273 -20.11 3.11 -27.76
CA LEU C 273 -21.50 2.79 -27.51
C LEU C 273 -22.23 2.37 -28.78
N ARG C 274 -22.03 3.09 -29.89
CA ARG C 274 -22.79 2.80 -31.09
C ARG C 274 -22.26 1.57 -31.82
N ALA C 275 -20.97 1.28 -31.69
CA ALA C 275 -20.43 0.08 -32.30
C ALA C 275 -20.55 -1.13 -31.38
N ASP C 276 -20.69 -0.93 -30.07
CA ASP C 276 -20.99 -2.03 -29.15
C ASP C 276 -19.87 -3.06 -29.15
N GLN C 277 -18.65 -2.58 -28.99
CA GLN C 277 -17.51 -3.47 -28.86
C GLN C 277 -16.28 -2.67 -28.47
N GLU C 278 -15.22 -3.38 -28.12
CA GLU C 278 -13.97 -2.74 -27.74
C GLU C 278 -13.34 -2.15 -28.98
N LEU C 279 -12.71 -0.99 -28.82
CA LEU C 279 -12.05 -0.36 -29.96
C LEU C 279 -10.54 -0.44 -29.91
N MET C 280 -9.93 -0.35 -28.74
CA MET C 280 -8.48 -0.31 -28.69
C MET C 280 -8.04 -0.72 -27.30
N THR C 281 -6.85 -1.33 -27.23
CA THR C 281 -6.27 -1.83 -26.00
C THR C 281 -4.91 -1.20 -25.81
N TYR C 282 -4.67 -0.69 -24.62
CA TYR C 282 -3.49 0.08 -24.29
C TYR C 282 -2.71 -0.75 -23.30
N SER C 283 -1.54 -1.23 -23.72
CA SER C 283 -0.78 -2.13 -22.88
C SER C 283 0.67 -2.09 -23.35
N HIS C 284 1.54 -2.54 -22.46
CA HIS C 284 2.95 -2.74 -22.74
C HIS C 284 3.40 -3.98 -22.00
N ASP C 285 4.30 -4.74 -22.60
CA ASP C 285 4.70 -5.99 -21.98
C ASP C 285 5.63 -5.79 -20.80
N ASN C 286 6.01 -4.56 -20.49
CA ASN C 286 6.71 -4.22 -19.27
C ASN C 286 5.75 -3.74 -18.19
N ILE C 287 4.46 -3.68 -18.50
CA ILE C 287 3.41 -3.28 -17.57
C ILE C 287 2.61 -4.50 -17.17
N ILE C 288 2.68 -4.87 -15.89
CA ILE C 288 2.01 -6.07 -15.41
C ILE C 288 1.02 -5.70 -14.31
N CYS C 289 1.30 -4.63 -13.58
CA CYS C 289 0.48 -4.25 -12.45
C CYS C 289 -0.85 -3.70 -12.93
N GLY C 290 -1.83 -3.69 -12.03
CA GLY C 290 -3.18 -3.28 -12.38
C GLY C 290 -3.33 -1.81 -12.71
N ILE C 291 -4.56 -1.31 -12.73
CA ILE C 291 -4.83 0.08 -13.06
C ILE C 291 -5.86 0.61 -12.09
N THR C 292 -5.63 1.82 -11.57
CA THR C 292 -6.48 2.35 -10.51
C THR C 292 -7.38 3.48 -10.96
N SER C 293 -6.97 4.27 -11.95
CA SER C 293 -7.80 5.38 -12.35
C SER C 293 -7.55 5.70 -13.80
N VAL C 294 -8.58 6.20 -14.47
CA VAL C 294 -8.48 6.58 -15.87
C VAL C 294 -9.21 7.89 -16.06
N SER C 295 -8.72 8.69 -17.00
CA SER C 295 -9.40 9.93 -17.30
C SER C 295 -8.86 10.52 -18.59
N PHE C 296 -9.75 11.11 -19.37
CA PHE C 296 -9.37 11.74 -20.61
C PHE C 296 -9.02 13.20 -20.38
N SER C 297 -8.29 13.78 -21.31
CA SER C 297 -8.08 15.21 -21.34
C SER C 297 -9.35 15.89 -21.85
N LYS C 298 -9.29 17.21 -22.00
CA LYS C 298 -10.49 17.94 -22.42
C LYS C 298 -10.91 17.56 -23.83
N SER C 299 -9.94 17.33 -24.71
CA SER C 299 -10.26 16.96 -26.09
C SER C 299 -10.33 15.45 -26.30
N GLY C 300 -10.03 14.67 -25.28
CA GLY C 300 -10.05 13.23 -25.39
C GLY C 300 -8.89 12.60 -26.14
N ARG C 301 -7.92 13.40 -26.58
CA ARG C 301 -6.79 12.82 -27.30
C ARG C 301 -5.84 12.09 -26.35
N LEU C 302 -5.73 12.54 -25.11
CA LEU C 302 -4.82 11.94 -24.15
C LEU C 302 -5.59 11.18 -23.08
N LEU C 303 -5.13 9.98 -22.76
CA LEU C 303 -5.74 9.14 -21.73
C LEU C 303 -4.75 8.90 -20.61
N LEU C 304 -5.06 9.35 -19.41
CA LEU C 304 -4.18 9.19 -18.27
C LEU C 304 -4.64 8.02 -17.43
N ALA C 305 -3.68 7.18 -17.00
CA ALA C 305 -3.97 6.00 -16.22
C ALA C 305 -3.02 5.93 -15.04
N GLY C 306 -3.58 5.61 -13.87
CA GLY C 306 -2.81 5.48 -12.65
C GLY C 306 -2.36 4.11 -12.20
N TYR C 307 -1.32 3.59 -12.81
CA TYR C 307 -0.90 2.22 -12.55
C TYR C 307 -0.50 2.01 -11.10
N ASP C 308 -0.37 0.74 -10.72
CA ASP C 308 0.08 0.39 -9.38
C ASP C 308 1.58 0.61 -9.19
N ASP C 309 2.36 0.74 -10.25
CA ASP C 309 3.80 0.85 -10.06
C ASP C 309 4.23 2.26 -9.70
N PHE C 310 3.30 3.04 -9.17
CA PHE C 310 3.45 4.39 -8.61
C PHE C 310 3.49 5.49 -9.65
N ASN C 311 3.41 5.17 -10.92
CA ASN C 311 3.53 6.17 -11.97
C ASN C 311 2.16 6.36 -12.58
N CYS C 312 2.03 7.39 -13.39
CA CYS C 312 0.81 7.56 -14.18
C CYS C 312 1.24 7.66 -15.62
N ASN C 313 0.72 6.79 -16.46
CA ASN C 313 1.09 6.81 -17.86
C ASN C 313 0.06 7.55 -18.66
N VAL C 314 0.53 8.44 -19.53
CA VAL C 314 -0.30 9.21 -20.44
C VAL C 314 -0.16 8.57 -21.80
N TRP C 315 -1.24 7.97 -22.26
CA TRP C 315 -1.30 7.26 -23.51
C TRP C 315 -1.95 8.13 -24.57
N ASP C 316 -1.57 7.88 -25.80
CA ASP C 316 -2.24 8.51 -26.94
C ASP C 316 -3.45 7.66 -27.26
N ALA C 317 -4.62 8.19 -26.94
CA ALA C 317 -5.85 7.43 -27.00
C ALA C 317 -6.18 6.96 -28.39
N LEU C 318 -5.44 7.41 -29.40
CA LEU C 318 -5.70 7.01 -30.78
C LEU C 318 -4.71 5.98 -31.31
N LYS C 319 -3.47 5.96 -30.82
CA LYS C 319 -2.46 5.07 -31.39
C LYS C 319 -2.06 3.93 -30.49
N ALA C 320 -2.60 3.86 -29.28
CA ALA C 320 -2.28 2.82 -28.30
C ALA C 320 -0.82 2.84 -27.86
N ASP C 321 -0.05 3.82 -28.31
CA ASP C 321 1.33 3.97 -27.89
C ASP C 321 1.38 4.64 -26.53
N ARG C 322 2.32 4.22 -25.70
CA ARG C 322 2.53 4.93 -24.46
C ARG C 322 3.39 6.14 -24.77
N ALA C 323 3.00 7.28 -24.24
CA ALA C 323 3.63 8.54 -24.62
C ALA C 323 4.41 9.19 -23.49
N GLY C 324 3.81 9.39 -22.33
CA GLY C 324 4.53 10.05 -21.26
C GLY C 324 4.27 9.39 -19.92
N VAL C 325 5.12 9.72 -18.97
CA VAL C 325 4.96 9.20 -17.63
C VAL C 325 4.97 10.37 -16.66
N LEU C 326 4.30 10.19 -15.53
CA LEU C 326 4.23 11.13 -14.43
C LEU C 326 4.74 10.28 -13.29
N ALA C 327 6.05 10.23 -13.13
CA ALA C 327 6.68 9.51 -12.04
C ALA C 327 6.96 10.48 -10.90
N GLY C 328 5.93 10.81 -10.14
CA GLY C 328 6.18 11.72 -9.06
C GLY C 328 5.67 11.21 -7.73
N HIS C 329 4.92 10.11 -7.75
CA HIS C 329 4.46 9.49 -6.53
C HIS C 329 5.37 8.34 -6.13
N ASP C 330 5.51 8.17 -4.82
CA ASP C 330 6.35 7.14 -4.23
C ASP C 330 5.55 5.93 -3.77
N ASN C 331 4.25 5.89 -4.06
CA ASN C 331 3.39 4.77 -3.74
C ASN C 331 2.24 4.73 -4.73
N ARG C 332 1.33 3.79 -4.56
CA ARG C 332 0.27 3.56 -5.53
C ARG C 332 -0.61 4.79 -5.74
N VAL C 333 -0.77 5.19 -6.99
CA VAL C 333 -1.68 6.28 -7.36
C VAL C 333 -3.12 5.79 -7.23
N SER C 334 -3.87 6.34 -6.28
CA SER C 334 -5.18 5.81 -6.00
C SER C 334 -6.28 6.48 -6.78
N CYS C 335 -6.06 7.69 -7.27
CA CYS C 335 -7.12 8.42 -7.93
C CYS C 335 -6.51 9.53 -8.74
N LEU C 336 -7.28 10.05 -9.68
CA LEU C 336 -6.81 11.20 -10.44
C LEU C 336 -8.01 11.90 -11.03
N GLY C 337 -7.77 13.07 -11.59
CA GLY C 337 -8.85 13.81 -12.20
C GLY C 337 -8.41 15.05 -12.92
N VAL C 338 -8.98 15.28 -14.09
CA VAL C 338 -8.68 16.43 -14.92
C VAL C 338 -9.73 17.49 -14.66
N THR C 339 -9.30 18.75 -14.70
CA THR C 339 -10.25 19.85 -14.53
C THR C 339 -11.22 19.90 -15.70
N ASP C 340 -12.35 20.58 -15.48
CA ASP C 340 -13.33 20.65 -16.53
C ASP C 340 -12.90 21.60 -17.65
N ASP C 341 -11.99 22.52 -17.37
CA ASP C 341 -11.41 23.33 -18.43
C ASP C 341 -10.15 22.69 -19.01
N GLY C 342 -9.73 21.54 -18.47
CA GLY C 342 -8.56 20.87 -18.97
C GLY C 342 -7.22 21.49 -18.63
N MET C 343 -7.16 22.44 -17.70
CA MET C 343 -5.90 23.13 -17.51
C MET C 343 -4.89 22.30 -16.74
N ALA C 344 -5.31 21.34 -15.93
CA ALA C 344 -4.35 20.59 -15.15
C ALA C 344 -5.01 19.30 -14.70
N VAL C 345 -4.18 18.35 -14.29
CA VAL C 345 -4.69 17.09 -13.75
C VAL C 345 -4.10 16.90 -12.36
N ALA C 346 -4.89 16.38 -11.46
CA ALA C 346 -4.44 16.10 -10.12
C ALA C 346 -4.37 14.60 -9.93
N THR C 347 -3.47 14.19 -9.06
CA THR C 347 -3.27 12.78 -8.78
C THR C 347 -3.17 12.62 -7.28
N GLY C 348 -4.01 11.75 -6.74
CA GLY C 348 -3.97 11.38 -5.34
C GLY C 348 -3.42 9.96 -5.24
N SER C 349 -2.57 9.75 -4.25
CA SER C 349 -1.89 8.49 -4.09
C SER C 349 -1.98 8.06 -2.65
N TRP C 350 -1.51 6.86 -2.38
CA TRP C 350 -1.53 6.44 -1.00
C TRP C 350 -0.38 7.00 -0.20
N ASP C 351 0.39 7.94 -0.74
CA ASP C 351 1.38 8.60 0.08
C ASP C 351 0.85 9.86 0.74
N SER C 352 -0.45 10.15 0.58
CA SER C 352 -1.14 11.31 1.13
C SER C 352 -0.73 12.65 0.53
N PHE C 353 -0.51 12.75 -0.77
CA PHE C 353 -0.13 14.03 -1.38
C PHE C 353 -0.80 14.16 -2.73
N LEU C 354 -1.87 14.94 -2.79
CA LEU C 354 -2.40 15.28 -4.09
C LEU C 354 -1.38 16.15 -4.81
N LYS C 355 -1.22 15.95 -6.10
CA LYS C 355 -0.24 16.71 -6.85
C LYS C 355 -0.92 17.23 -8.10
N ILE C 356 -0.72 18.50 -8.41
CA ILE C 356 -1.26 19.08 -9.64
C ILE C 356 -0.19 19.06 -10.71
N TRP C 357 -0.57 18.68 -11.91
CA TRP C 357 0.34 18.53 -13.04
C TRP C 357 -0.18 19.29 -14.23
N ASN C 358 0.72 19.94 -14.96
CA ASN C 358 0.44 20.43 -16.30
C ASN C 358 1.73 20.84 -17.00
N GLN D 23 -15.56 -12.11 -23.32
CA GLN D 23 -16.15 -12.63 -22.09
C GLN D 23 -15.43 -13.87 -21.58
N VAL D 24 -14.90 -13.78 -20.36
CA VAL D 24 -14.27 -14.94 -19.74
C VAL D 24 -15.29 -16.04 -19.59
N GLN D 25 -14.98 -17.22 -20.11
CA GLN D 25 -15.85 -18.36 -19.86
C GLN D 25 -15.04 -19.65 -19.81
N LEU D 26 -15.45 -20.53 -18.91
CA LEU D 26 -14.76 -21.78 -18.62
C LEU D 26 -15.73 -22.92 -18.83
N GLN D 27 -15.36 -23.88 -19.67
CA GLN D 27 -16.22 -25.01 -19.97
C GLN D 27 -15.55 -26.27 -19.46
N GLU D 28 -16.19 -26.95 -18.53
CA GLU D 28 -15.73 -28.23 -18.03
C GLU D 28 -16.48 -29.35 -18.75
N SER D 29 -15.85 -30.51 -18.78
CA SER D 29 -16.41 -31.65 -19.48
C SER D 29 -15.91 -32.92 -18.80
N GLY D 30 -16.60 -34.02 -19.10
CA GLY D 30 -16.39 -35.24 -18.37
C GLY D 30 -17.30 -35.30 -17.16
N GLY D 31 -17.30 -36.47 -16.51
CA GLY D 31 -18.06 -36.64 -15.29
C GLY D 31 -19.44 -37.21 -15.48
N GLY D 32 -19.59 -38.44 -15.00
CA GLY D 32 -20.84 -39.17 -15.02
C GLY D 32 -20.93 -40.15 -13.88
N LEU D 33 -21.96 -40.99 -13.90
CA LEU D 33 -22.11 -42.03 -12.89
C LEU D 33 -20.93 -42.98 -12.92
N VAL D 34 -20.22 -43.08 -11.78
CA VAL D 34 -19.04 -43.92 -11.67
C VAL D 34 -19.07 -44.61 -10.31
N GLN D 35 -18.91 -45.94 -10.31
CA GLN D 35 -18.93 -46.71 -9.08
C GLN D 35 -17.77 -46.34 -8.17
N PRO D 36 -17.93 -46.56 -6.86
CA PRO D 36 -16.81 -46.30 -5.93
C PRO D 36 -15.54 -47.02 -6.35
N GLY D 37 -14.41 -46.39 -6.09
CA GLY D 37 -13.14 -46.91 -6.53
C GLY D 37 -12.91 -46.83 -8.02
N GLY D 38 -13.73 -46.08 -8.75
CA GLY D 38 -13.57 -46.01 -10.19
C GLY D 38 -12.49 -45.05 -10.64
N SER D 39 -12.80 -44.25 -11.66
CA SER D 39 -11.89 -43.25 -12.17
C SER D 39 -12.65 -42.35 -13.13
N LEU D 40 -12.14 -41.14 -13.29
CA LEU D 40 -12.73 -40.17 -14.20
C LEU D 40 -11.66 -39.13 -14.51
N ARG D 41 -11.94 -38.29 -15.52
CA ARG D 41 -11.02 -37.21 -15.85
C ARG D 41 -11.82 -36.01 -16.32
N LEU D 42 -11.78 -34.92 -15.55
CA LEU D 42 -12.56 -33.72 -15.82
C LEU D 42 -11.68 -32.70 -16.52
N SER D 43 -12.06 -32.33 -17.73
CA SER D 43 -11.28 -31.42 -18.56
C SER D 43 -11.91 -30.04 -18.53
N CYS D 44 -11.16 -29.04 -18.10
CA CYS D 44 -11.62 -27.66 -18.01
C CYS D 44 -10.89 -26.84 -19.06
N ALA D 45 -11.63 -26.39 -20.06
CA ALA D 45 -11.13 -25.57 -21.15
C ALA D 45 -11.52 -24.12 -20.93
N ALA D 46 -10.55 -23.22 -21.01
CA ALA D 46 -10.73 -21.80 -20.73
C ALA D 46 -10.69 -21.00 -22.01
N SER D 47 -11.58 -20.03 -22.14
CA SER D 47 -11.63 -19.18 -23.31
C SER D 47 -11.96 -17.77 -22.89
N GLY D 48 -11.14 -16.83 -23.33
CA GLY D 48 -11.38 -15.42 -23.07
C GLY D 48 -10.26 -14.71 -22.34
N PHE D 49 -9.12 -15.36 -22.17
CA PHE D 49 -7.98 -14.72 -21.52
C PHE D 49 -6.71 -15.49 -21.85
N THR D 50 -5.62 -15.14 -21.16
CA THR D 50 -4.33 -15.79 -21.31
C THR D 50 -4.19 -16.83 -20.22
N PHE D 51 -4.23 -18.10 -20.59
CA PHE D 51 -4.32 -19.16 -19.59
C PHE D 51 -3.11 -19.20 -18.68
N SER D 52 -1.93 -18.89 -19.21
CA SER D 52 -0.70 -19.12 -18.48
C SER D 52 -0.57 -18.21 -17.26
N ASN D 53 -1.18 -17.03 -17.29
CA ASN D 53 -0.91 -16.05 -16.26
C ASN D 53 -1.64 -16.34 -14.95
N TYR D 54 -2.70 -17.13 -14.98
CA TYR D 54 -3.59 -17.26 -13.83
C TYR D 54 -3.35 -18.58 -13.12
N LYS D 55 -3.25 -18.52 -11.80
CA LYS D 55 -3.26 -19.73 -10.98
C LYS D 55 -4.63 -20.36 -11.03
N MET D 56 -4.68 -21.68 -11.17
CA MET D 56 -5.96 -22.36 -11.33
C MET D 56 -6.25 -23.29 -10.16
N ASN D 57 -7.53 -23.45 -9.85
CA ASN D 57 -7.97 -24.32 -8.77
C ASN D 57 -9.12 -25.18 -9.25
N TRP D 58 -9.37 -26.26 -8.52
CA TRP D 58 -10.52 -27.13 -8.69
C TRP D 58 -11.31 -27.04 -7.40
N VAL D 59 -12.53 -26.50 -7.49
CA VAL D 59 -13.44 -26.34 -6.37
C VAL D 59 -14.67 -27.23 -6.60
N ARG D 60 -14.89 -28.18 -5.69
CA ARG D 60 -16.03 -29.07 -5.75
C ARG D 60 -17.05 -28.69 -4.69
N GLN D 61 -18.33 -28.92 -5.02
CA GLN D 61 -19.43 -28.62 -4.11
C GLN D 61 -20.25 -29.89 -3.94
N ALA D 62 -20.25 -30.44 -2.72
CA ALA D 62 -21.10 -31.59 -2.50
C ALA D 62 -22.52 -31.16 -2.20
N PRO D 63 -23.51 -31.99 -2.53
CA PRO D 63 -24.91 -31.60 -2.37
C PRO D 63 -25.25 -31.37 -0.91
N GLY D 64 -25.77 -30.18 -0.62
CA GLY D 64 -26.21 -29.83 0.72
C GLY D 64 -25.21 -29.07 1.56
N LYS D 65 -24.02 -28.79 1.04
CA LYS D 65 -22.99 -28.10 1.78
C LYS D 65 -22.43 -26.97 0.93
N GLY D 66 -21.78 -26.02 1.58
CA GLY D 66 -21.21 -24.91 0.86
C GLY D 66 -20.08 -25.33 -0.05
N LEU D 67 -19.53 -24.34 -0.74
CA LEU D 67 -18.42 -24.62 -1.64
C LEU D 67 -17.21 -25.08 -0.84
N GLU D 68 -16.46 -26.01 -1.40
CA GLU D 68 -15.25 -26.51 -0.76
C GLU D 68 -14.16 -26.47 -1.82
N TRP D 69 -12.94 -26.19 -1.41
CA TRP D 69 -11.84 -26.05 -2.34
C TRP D 69 -10.99 -27.31 -2.33
N VAL D 70 -10.68 -27.81 -3.52
CA VAL D 70 -10.04 -29.11 -3.64
C VAL D 70 -8.55 -28.95 -3.91
N SER D 71 -8.17 -28.36 -5.04
CA SER D 71 -6.73 -28.34 -5.30
C SER D 71 -6.33 -27.20 -6.22
N ASP D 72 -5.09 -26.71 -6.06
CA ASP D 72 -4.62 -25.64 -6.92
C ASP D 72 -3.29 -25.97 -7.56
N ILE D 73 -3.12 -25.46 -8.77
CA ILE D 73 -1.91 -25.59 -9.57
C ILE D 73 -1.50 -24.20 -10.02
N SER D 74 -0.21 -23.93 -10.01
CA SER D 74 0.28 -22.58 -10.20
C SER D 74 0.26 -22.22 -11.69
N GLN D 75 0.93 -21.12 -12.03
CA GLN D 75 0.85 -20.57 -13.37
C GLN D 75 1.37 -21.54 -14.43
N SER D 76 2.29 -22.42 -14.06
CA SER D 76 2.89 -23.30 -15.05
C SER D 76 3.03 -24.73 -14.55
N GLY D 77 2.22 -25.14 -13.59
CA GLY D 77 2.41 -26.44 -13.01
C GLY D 77 3.65 -26.56 -12.15
N ALA D 78 4.26 -25.45 -11.76
CA ALA D 78 5.48 -25.53 -10.95
C ALA D 78 5.19 -26.07 -9.56
N SER D 79 4.30 -25.40 -8.82
CA SER D 79 3.96 -25.79 -7.46
C SER D 79 2.49 -26.18 -7.41
N ILE D 80 2.21 -27.38 -6.95
CA ILE D 80 0.84 -27.88 -6.84
C ILE D 80 0.51 -28.14 -5.38
N SER D 81 -0.77 -28.05 -5.04
CA SER D 81 -1.19 -28.35 -3.68
C SER D 81 -2.61 -28.90 -3.69
N TYR D 82 -2.90 -29.75 -2.70
CA TYR D 82 -4.13 -30.52 -2.64
C TYR D 82 -4.76 -30.38 -1.25
N THR D 83 -6.08 -30.47 -1.21
CA THR D 83 -6.75 -30.72 0.06
C THR D 83 -6.32 -32.07 0.60
N GLY D 84 -6.37 -32.21 1.93
CA GLY D 84 -5.94 -33.45 2.55
C GLY D 84 -6.76 -34.65 2.08
N SER D 85 -8.08 -34.48 2.00
CA SER D 85 -8.96 -35.59 1.73
C SER D 85 -8.70 -36.21 0.36
N VAL D 86 -8.25 -35.42 -0.60
CA VAL D 86 -7.99 -35.91 -1.96
C VAL D 86 -6.51 -36.13 -2.22
N LYS D 87 -5.68 -36.11 -1.18
CA LYS D 87 -4.27 -36.32 -1.38
C LYS D 87 -4.02 -37.79 -1.66
N GLY D 88 -3.21 -38.07 -2.67
CA GLY D 88 -2.92 -39.43 -3.07
C GLY D 88 -3.97 -40.05 -3.96
N ARG D 89 -5.09 -39.38 -4.22
CA ARG D 89 -6.11 -39.91 -5.11
C ARG D 89 -6.21 -39.12 -6.41
N PHE D 90 -6.44 -37.82 -6.35
CA PHE D 90 -6.61 -37.05 -7.57
C PHE D 90 -5.29 -36.43 -8.00
N THR D 91 -5.19 -36.15 -9.30
CA THR D 91 -4.07 -35.36 -9.81
C THR D 91 -4.63 -34.22 -10.65
N ILE D 92 -3.79 -33.20 -10.85
CA ILE D 92 -4.18 -32.01 -11.58
C ILE D 92 -3.05 -31.61 -12.52
N SER D 93 -3.36 -31.54 -13.81
CA SER D 93 -2.36 -31.23 -14.81
C SER D 93 -2.82 -30.00 -15.59
N ARG D 94 -1.89 -29.14 -15.94
CA ARG D 94 -2.19 -27.96 -16.73
C ARG D 94 -1.44 -28.01 -18.05
N ASP D 95 -2.15 -27.82 -19.16
CA ASP D 95 -1.50 -27.74 -20.46
C ASP D 95 -1.86 -26.39 -21.07
N ASN D 96 -0.87 -25.50 -21.13
CA ASN D 96 -1.07 -24.18 -21.72
C ASN D 96 -1.17 -24.26 -23.22
N ALA D 97 -0.58 -25.30 -23.82
CA ALA D 97 -0.62 -25.45 -25.27
C ALA D 97 -2.05 -25.60 -25.74
N LYS D 98 -2.75 -26.63 -25.24
CA LYS D 98 -4.15 -26.78 -25.58
C LYS D 98 -5.04 -25.85 -24.78
N ASN D 99 -4.47 -25.05 -23.87
CA ASN D 99 -5.23 -24.08 -23.08
C ASN D 99 -6.34 -24.77 -22.27
N THR D 100 -5.91 -25.61 -21.33
CA THR D 100 -6.83 -26.37 -20.49
C THR D 100 -6.12 -26.90 -19.26
N LEU D 101 -6.91 -27.45 -18.33
CA LEU D 101 -6.36 -28.22 -17.22
C LEU D 101 -7.28 -29.38 -16.92
N TYR D 102 -6.71 -30.46 -16.41
CA TYR D 102 -7.40 -31.73 -16.20
C TYR D 102 -7.29 -32.16 -14.75
N LEU D 103 -8.41 -32.52 -14.14
CA LEU D 103 -8.42 -33.20 -12.85
C LEU D 103 -8.69 -34.68 -13.10
N GLN D 104 -7.63 -35.48 -13.02
CA GLN D 104 -7.76 -36.94 -13.18
C GLN D 104 -8.00 -37.54 -11.80
N MET D 105 -9.22 -38.03 -11.56
CA MET D 105 -9.59 -38.63 -10.30
C MET D 105 -9.56 -40.15 -10.39
N ASN D 106 -8.97 -40.79 -9.38
CA ASN D 106 -8.99 -42.25 -9.27
C ASN D 106 -9.30 -42.66 -7.83
N SER D 107 -9.88 -43.85 -7.68
CA SER D 107 -10.30 -44.41 -6.38
C SER D 107 -11.34 -43.54 -5.69
N LEU D 108 -12.35 -43.12 -6.44
CA LEU D 108 -13.38 -42.25 -5.91
C LEU D 108 -14.17 -42.93 -4.79
N LYS D 109 -14.45 -42.17 -3.74
CA LYS D 109 -15.18 -42.59 -2.56
C LYS D 109 -16.62 -42.12 -2.67
N PRO D 110 -17.53 -42.67 -1.86
CA PRO D 110 -18.94 -42.23 -1.90
C PRO D 110 -19.16 -40.79 -1.49
N GLU D 111 -18.18 -40.12 -0.88
CA GLU D 111 -18.30 -38.74 -0.45
C GLU D 111 -17.70 -37.75 -1.44
N ASP D 112 -17.04 -38.25 -2.48
CA ASP D 112 -16.55 -37.45 -3.59
C ASP D 112 -17.66 -37.10 -4.59
N THR D 113 -18.91 -37.35 -4.23
CA THR D 113 -20.03 -36.98 -5.08
C THR D 113 -20.30 -35.50 -4.97
N ALA D 114 -20.12 -34.78 -6.06
CA ALA D 114 -20.21 -33.33 -6.01
C ALA D 114 -20.14 -32.77 -7.42
N VAL D 115 -20.61 -31.53 -7.55
CA VAL D 115 -20.41 -30.76 -8.77
C VAL D 115 -18.97 -30.27 -8.76
N TYR D 116 -18.35 -30.14 -9.92
CA TYR D 116 -16.93 -29.80 -9.93
C TYR D 116 -16.66 -28.56 -10.78
N TYR D 117 -16.73 -27.39 -10.15
CA TYR D 117 -16.32 -26.16 -10.79
C TYR D 117 -14.80 -26.10 -10.89
N CYS D 118 -14.31 -25.51 -11.97
CA CYS D 118 -12.86 -25.37 -12.15
C CYS D 118 -12.58 -23.87 -12.09
N ALA D 119 -12.20 -23.39 -10.92
CA ALA D 119 -12.18 -21.96 -10.69
C ALA D 119 -10.82 -21.38 -11.04
N ARG D 120 -10.81 -20.13 -11.48
CA ARG D 120 -9.58 -19.40 -11.66
C ARG D 120 -9.55 -18.19 -10.75
N CYS D 121 -8.42 -17.94 -10.12
CA CYS D 121 -8.28 -16.71 -9.35
C CYS D 121 -8.21 -15.47 -10.24
N PRO D 122 -8.70 -14.34 -9.73
CA PRO D 122 -8.98 -13.18 -10.57
C PRO D 122 -7.78 -12.32 -10.91
N ALA D 123 -6.57 -12.66 -10.48
CA ALA D 123 -5.48 -11.76 -10.79
C ALA D 123 -4.29 -12.55 -11.31
N PRO D 124 -3.65 -12.03 -12.34
CA PRO D 124 -2.42 -12.66 -12.87
C PRO D 124 -1.19 -12.29 -12.06
N PHE D 125 -0.13 -13.06 -12.32
CA PHE D 125 1.19 -12.77 -11.78
C PHE D 125 1.20 -12.73 -10.26
N THR D 126 0.36 -13.52 -9.60
CA THR D 126 0.33 -13.54 -8.16
C THR D 126 0.08 -14.95 -7.66
N ARG D 127 0.12 -15.09 -6.33
CA ARG D 127 0.05 -16.39 -5.68
C ARG D 127 -1.18 -16.50 -4.78
N ASP D 128 -1.98 -15.45 -4.69
CA ASP D 128 -3.14 -15.42 -3.81
C ASP D 128 -4.43 -15.36 -4.62
N CYS D 129 -5.50 -15.89 -4.03
CA CYS D 129 -6.82 -15.73 -4.59
C CYS D 129 -7.88 -16.05 -3.56
N PHE D 130 -9.11 -15.57 -3.82
CA PHE D 130 -10.23 -15.62 -2.90
C PHE D 130 -11.48 -16.17 -3.58
N ASP D 131 -11.34 -17.33 -4.23
CA ASP D 131 -12.31 -17.84 -5.20
C ASP D 131 -13.12 -19.03 -4.71
N VAL D 132 -13.50 -19.08 -3.44
CA VAL D 132 -14.43 -20.13 -3.03
C VAL D 132 -15.77 -19.50 -2.64
N THR D 133 -16.07 -18.36 -3.22
CA THR D 133 -17.11 -17.49 -2.68
C THR D 133 -18.43 -18.21 -2.52
N SER D 134 -19.24 -17.69 -1.59
CA SER D 134 -20.44 -18.39 -1.17
C SER D 134 -21.43 -18.57 -2.32
N THR D 135 -21.76 -17.48 -3.01
CA THR D 135 -22.73 -17.57 -4.08
C THR D 135 -22.15 -17.28 -5.45
N THR D 136 -21.56 -16.10 -5.67
CA THR D 136 -21.23 -15.67 -7.02
C THR D 136 -19.76 -15.31 -7.11
N TYR D 137 -19.04 -16.05 -7.95
CA TYR D 137 -17.72 -15.69 -8.43
C TYR D 137 -17.75 -15.79 -9.95
N ALA D 138 -17.16 -14.81 -10.62
CA ALA D 138 -17.44 -14.65 -12.04
C ALA D 138 -16.53 -15.47 -12.96
N TYR D 139 -15.47 -16.06 -12.45
CA TYR D 139 -14.51 -16.75 -13.30
C TYR D 139 -14.37 -18.22 -12.95
N ARG D 140 -15.48 -18.89 -12.64
CA ARG D 140 -15.50 -20.34 -12.53
C ARG D 140 -16.65 -20.87 -13.36
N GLY D 141 -16.55 -22.14 -13.76
CA GLY D 141 -17.49 -22.65 -14.74
C GLY D 141 -18.86 -22.96 -14.17
N GLN D 142 -19.50 -24.01 -14.68
CA GLN D 142 -20.85 -24.36 -14.28
C GLN D 142 -20.96 -25.70 -13.57
N GLY D 143 -20.12 -26.66 -13.90
CA GLY D 143 -20.15 -27.88 -13.13
C GLY D 143 -20.59 -29.08 -13.94
N THR D 144 -20.01 -30.23 -13.63
CA THR D 144 -20.41 -31.52 -14.19
C THR D 144 -20.67 -32.42 -12.99
N GLN D 145 -21.95 -32.63 -12.65
CA GLN D 145 -22.24 -33.35 -11.42
C GLN D 145 -21.71 -34.77 -11.51
N VAL D 146 -20.61 -35.03 -10.82
CA VAL D 146 -20.06 -36.37 -10.73
C VAL D 146 -20.72 -37.09 -9.57
N THR D 147 -21.43 -38.17 -9.87
CA THR D 147 -22.12 -38.92 -8.86
C THR D 147 -21.43 -40.27 -8.71
N VAL D 148 -21.22 -40.69 -7.46
CA VAL D 148 -20.56 -41.97 -7.17
C VAL D 148 -21.31 -42.65 -6.03
N SER D 149 -21.88 -43.82 -6.32
CA SER D 149 -22.58 -44.60 -5.31
C SER D 149 -22.67 -46.04 -5.79
N SER D 150 -23.04 -46.92 -4.87
CA SER D 150 -23.18 -48.33 -5.18
C SER D 150 -24.64 -48.68 -5.46
N SER E 8 -31.83 -19.01 -8.70
CA SER E 8 -31.21 -19.54 -9.91
C SER E 8 -32.07 -19.23 -11.13
N ILE E 9 -33.37 -19.47 -11.01
CA ILE E 9 -34.28 -19.30 -12.13
C ILE E 9 -34.62 -17.82 -12.35
N ALA E 10 -34.68 -17.02 -11.28
CA ALA E 10 -34.99 -15.61 -11.46
C ALA E 10 -33.82 -14.85 -12.05
N GLN E 11 -32.60 -15.14 -11.59
CA GLN E 11 -31.46 -14.46 -12.19
C GLN E 11 -31.24 -14.92 -13.61
N ALA E 12 -31.75 -16.11 -13.95
CA ALA E 12 -31.59 -16.57 -15.32
C ALA E 12 -32.66 -15.96 -16.22
N ARG E 13 -33.88 -15.79 -15.71
CA ARG E 13 -34.88 -15.09 -16.49
C ARG E 13 -34.47 -13.66 -16.72
N LYS E 14 -33.85 -13.03 -15.72
CA LYS E 14 -33.40 -11.66 -15.90
C LYS E 14 -32.21 -11.59 -16.85
N LEU E 15 -31.31 -12.58 -16.82
CA LEU E 15 -30.18 -12.54 -17.73
C LEU E 15 -30.62 -12.77 -19.17
N VAL E 16 -31.62 -13.63 -19.36
CA VAL E 16 -32.11 -13.91 -20.71
C VAL E 16 -32.90 -12.72 -21.25
N GLU E 17 -33.77 -12.13 -20.43
CA GLU E 17 -34.51 -10.97 -20.90
C GLU E 17 -33.58 -9.80 -21.17
N GLN E 18 -32.50 -9.68 -20.39
CA GLN E 18 -31.49 -8.67 -20.68
C GLN E 18 -30.82 -8.94 -22.02
N LEU E 19 -30.52 -10.19 -22.32
CA LEU E 19 -29.91 -10.48 -23.61
C LEU E 19 -30.89 -10.25 -24.76
N LYS E 20 -32.19 -10.51 -24.54
CA LYS E 20 -33.16 -10.24 -25.60
C LYS E 20 -33.36 -8.74 -25.84
N MET E 21 -33.32 -7.93 -24.78
CA MET E 21 -33.40 -6.48 -24.99
C MET E 21 -32.16 -5.99 -25.71
N GLU E 22 -30.99 -6.51 -25.31
CA GLU E 22 -29.72 -6.10 -25.90
C GLU E 22 -29.53 -6.62 -27.32
N ALA E 23 -30.27 -7.65 -27.73
CA ALA E 23 -30.05 -8.21 -29.05
C ALA E 23 -30.63 -7.33 -30.14
N ASN E 24 -31.76 -6.68 -29.88
CA ASN E 24 -32.46 -5.89 -30.89
C ASN E 24 -31.94 -4.45 -30.96
N ILE E 25 -30.72 -4.20 -30.50
CA ILE E 25 -30.09 -2.89 -30.71
C ILE E 25 -29.49 -2.81 -32.10
N ASP E 26 -29.38 -1.59 -32.61
CA ASP E 26 -28.81 -1.31 -33.92
C ASP E 26 -27.41 -0.75 -33.75
N ARG E 27 -26.42 -1.39 -34.35
CA ARG E 27 -25.04 -0.97 -34.20
C ARG E 27 -24.56 -0.31 -35.49
N ILE E 28 -23.64 0.64 -35.34
CA ILE E 28 -23.06 1.32 -36.48
C ILE E 28 -21.68 0.72 -36.75
N LYS E 29 -21.13 1.02 -37.93
CA LYS E 29 -19.81 0.52 -38.28
C LYS E 29 -18.73 1.17 -37.42
N VAL E 30 -17.68 0.40 -37.09
CA VAL E 30 -16.57 0.90 -36.29
C VAL E 30 -15.83 2.01 -37.01
N SER E 31 -15.78 1.95 -38.34
CA SER E 31 -15.12 2.99 -39.13
C SER E 31 -15.73 4.36 -38.85
N LYS E 32 -17.05 4.44 -38.74
CA LYS E 32 -17.66 5.73 -38.46
C LYS E 32 -17.43 6.14 -37.01
N ALA E 33 -17.47 5.19 -36.07
CA ALA E 33 -17.21 5.52 -34.68
C ALA E 33 -15.80 6.07 -34.50
N ALA E 34 -14.84 5.50 -35.23
CA ALA E 34 -13.49 6.03 -35.17
C ALA E 34 -13.41 7.37 -35.86
N ALA E 35 -14.21 7.58 -36.90
CA ALA E 35 -14.16 8.88 -37.55
C ALA E 35 -14.72 9.94 -36.62
N ASP E 36 -15.67 9.55 -35.77
CA ASP E 36 -16.21 10.49 -34.80
C ASP E 36 -15.20 10.77 -33.70
N LEU E 37 -14.47 9.74 -33.25
CA LEU E 37 -13.43 10.00 -32.27
C LEU E 37 -12.33 10.92 -32.83
N MET E 38 -11.90 10.67 -34.06
CA MET E 38 -10.88 11.55 -34.65
C MET E 38 -11.42 12.95 -34.85
N ALA E 39 -12.71 13.06 -35.17
CA ALA E 39 -13.29 14.37 -35.37
C ALA E 39 -13.43 15.10 -34.06
N TYR E 40 -13.81 14.41 -32.99
CA TYR E 40 -13.92 15.10 -31.71
C TYR E 40 -12.54 15.48 -31.20
N CYS E 41 -11.51 14.70 -31.55
CA CYS E 41 -10.17 15.02 -31.11
C CYS E 41 -9.67 16.28 -31.80
N GLU E 42 -9.62 16.27 -33.13
CA GLU E 42 -9.09 17.44 -33.82
C GLU E 42 -10.06 18.61 -33.76
N ALA E 43 -11.33 18.36 -33.50
CA ALA E 43 -12.30 19.44 -33.30
C ALA E 43 -12.09 20.17 -31.98
N HIS E 44 -11.38 19.55 -31.04
CA HIS E 44 -11.11 20.16 -29.74
C HIS E 44 -9.62 20.27 -29.47
N ALA E 45 -8.78 20.10 -30.48
CA ALA E 45 -7.34 20.07 -30.24
C ALA E 45 -6.83 21.41 -29.72
N LYS E 46 -7.40 22.51 -30.20
CA LYS E 46 -6.88 23.82 -29.81
C LYS E 46 -7.25 24.23 -28.39
N GLU E 47 -8.12 23.50 -27.69
CA GLU E 47 -8.47 23.87 -26.34
C GLU E 47 -7.99 22.89 -25.29
N ASP E 48 -7.07 21.99 -25.62
CA ASP E 48 -6.61 21.06 -24.60
C ASP E 48 -5.23 21.45 -24.12
N PRO E 49 -5.11 22.09 -22.95
CA PRO E 49 -3.80 22.55 -22.49
C PRO E 49 -2.79 21.45 -22.27
N LEU E 50 -3.20 20.24 -21.91
CA LEU E 50 -2.23 19.17 -21.73
C LEU E 50 -1.70 18.65 -23.06
N LEU E 51 -2.46 18.84 -24.14
CA LEU E 51 -2.02 18.47 -25.47
C LEU E 51 -1.24 19.60 -26.12
N THR E 52 -1.87 20.77 -26.23
CA THR E 52 -1.18 21.96 -26.71
C THR E 52 -0.72 22.76 -25.49
N PRO E 53 0.58 22.83 -25.22
CA PRO E 53 1.06 23.49 -24.00
C PRO E 53 0.70 24.97 -23.99
N VAL E 54 0.19 25.43 -22.85
CA VAL E 54 -0.22 26.82 -22.66
C VAL E 54 0.96 27.72 -22.29
N PRO E 55 1.00 28.95 -22.82
CA PRO E 55 2.05 29.90 -22.43
C PRO E 55 2.06 30.13 -20.92
N ALA E 56 3.26 30.35 -20.38
CA ALA E 56 3.42 30.52 -18.94
C ALA E 56 2.66 31.72 -18.40
N SER E 57 2.22 32.63 -19.29
CA SER E 57 1.44 33.78 -18.86
C SER E 57 0.05 33.36 -18.41
N GLU E 58 -0.52 32.35 -19.08
CA GLU E 58 -1.86 31.86 -18.83
C GLU E 58 -1.87 30.59 -18.00
N ASN E 59 -0.76 30.27 -17.33
CA ASN E 59 -0.73 29.08 -16.49
C ASN E 59 -1.03 29.49 -15.07
N PRO E 60 -2.19 29.12 -14.53
CA PRO E 60 -2.55 29.51 -13.17
C PRO E 60 -1.70 28.88 -12.10
N PHE E 61 -0.90 27.86 -12.40
CA PHE E 61 -0.10 27.23 -11.36
C PHE E 61 1.36 27.67 -11.37
N ARG E 62 1.77 28.52 -12.30
CA ARG E 62 3.12 29.07 -12.29
C ARG E 62 3.17 30.56 -12.02
N GLU E 63 2.12 31.29 -12.38
CA GLU E 63 2.01 32.73 -12.16
C GLU E 63 1.97 33.06 -10.67
N LYS E 64 1.85 34.36 -10.40
CA LYS E 64 1.80 34.89 -9.05
C LYS E 64 0.41 35.40 -8.71
#